data_6GT9
#
_entry.id   6GT9
#
_cell.length_a   71.520
_cell.length_b   88.890
_cell.length_c   88.880
_cell.angle_alpha   90.00
_cell.angle_beta   95.41
_cell.angle_gamma   90.00
#
_symmetry.space_group_name_H-M   'P 1 21 1'
#
loop_
_entity.id
_entity.type
_entity.pdbx_description
1 polymer 'Putative sugar binding protein'
2 non-polymer beta-D-galactopyranose
3 non-polymer 'SULFATE ION'
4 water water
#
_entity_poly.entity_id   1
_entity_poly.type   'polypeptide(L)'
_entity_poly.pdbx_seq_one_letter_code
;MGHHHHHHAWNVYAYPKSEKERVPETTKEAYHFVLVPEELDNDYWRLVEKGAKAAAKELGVDLEYIGPRQANIDEHLRIL
KKAAAAKVDGIITQGLTEAEFVPVINEITDKNIPVVTIDTDAPTSRRVAYVGTDNYYAGFLAGRALAEDTKGKATVAIIT
GSLTAAHQQLRVRGFEDAVRQEKGIRIVAIEESHITRVQAAEKAYTILKKHPDVNAFYGTSALDAIGVAKVVEQFHREQK
TYIIGFDTLPETIRYLQKGTIAATVVQEPYEMGYKAVKMMAEIVAGKDVPVVTNTETKVIRKKDLPLRPARNYEVNTP
;
_entity_poly.pdbx_strand_id   A,B,C,D
#
# COMPACT_ATOMS: atom_id res chain seq x y z
N GLU A 25 -19.64 33.74 -26.43
CA GLU A 25 -18.87 34.08 -25.23
C GLU A 25 -19.67 35.01 -24.30
N THR A 26 -19.69 36.31 -24.63
CA THR A 26 -20.49 37.27 -23.85
C THR A 26 -21.99 37.11 -24.08
N THR A 27 -22.43 35.86 -24.24
CA THR A 27 -23.83 35.49 -24.46
C THR A 27 -24.23 34.43 -23.44
N LYS A 28 -25.50 34.43 -23.06
CA LYS A 28 -26.05 33.33 -22.29
C LYS A 28 -26.61 32.23 -23.19
N GLU A 29 -26.49 32.40 -24.51
CA GLU A 29 -26.90 31.36 -25.45
C GLU A 29 -26.23 30.04 -25.12
N ALA A 30 -24.93 30.07 -24.89
CA ALA A 30 -24.11 28.87 -24.87
C ALA A 30 -23.88 28.37 -23.45
N TYR A 31 -23.56 27.08 -23.35
CA TYR A 31 -23.00 26.57 -22.10
C TYR A 31 -21.63 27.19 -21.88
N HIS A 32 -21.30 27.43 -20.61
CA HIS A 32 -20.00 27.97 -20.22
C HIS A 32 -19.29 26.93 -19.37
N PHE A 33 -18.19 26.36 -19.91
CA PHE A 33 -17.31 25.46 -19.19
C PHE A 33 -15.99 26.17 -18.90
N VAL A 34 -15.45 25.95 -17.70
CA VAL A 34 -14.17 26.53 -17.33
C VAL A 34 -13.14 25.40 -17.22
N LEU A 35 -11.98 25.60 -17.82
CA LEU A 35 -10.85 24.69 -17.66
C LEU A 35 -9.78 25.44 -16.87
N VAL A 36 -9.38 24.89 -15.73
CA VAL A 36 -8.38 25.51 -14.86
C VAL A 36 -7.09 24.71 -14.98
N PRO A 37 -6.03 25.26 -15.55
CA PRO A 37 -4.76 24.55 -15.61
C PRO A 37 -3.95 24.76 -14.33
N GLU A 38 -2.92 23.93 -14.16
CA GLU A 38 -2.02 24.10 -13.04
C GLU A 38 -1.31 25.46 -13.11
N GLU A 39 -1.00 25.90 -14.33
CA GLU A 39 -0.27 27.15 -14.57
C GLU A 39 -0.60 27.59 -15.98
N LEU A 40 -1.01 28.85 -16.12
CA LEU A 40 -1.67 29.33 -17.33
C LEU A 40 -0.82 29.07 -18.58
N ASP A 41 0.41 29.57 -18.60
CA ASP A 41 1.24 29.48 -19.79
C ASP A 41 2.24 28.33 -19.74
N ASN A 42 2.00 27.33 -18.89
CA ASN A 42 2.82 26.11 -18.94
C ASN A 42 2.59 25.40 -20.27
N ASP A 43 3.68 24.97 -20.93
CA ASP A 43 3.56 24.44 -22.29
C ASP A 43 2.68 23.19 -22.36
N TYR A 44 2.75 22.34 -21.36
CA TYR A 44 1.92 21.13 -21.39
C TYR A 44 0.44 21.50 -21.26
N TRP A 45 0.12 22.41 -20.33
CA TRP A 45 -1.27 22.81 -20.14
C TRP A 45 -1.84 23.57 -21.33
N ARG A 46 -1.00 24.24 -22.11
CA ARG A 46 -1.50 24.86 -23.34
C ARG A 46 -1.88 23.80 -24.36
N LEU A 47 -1.22 22.64 -24.34
CA LEU A 47 -1.64 21.53 -25.19
C LEU A 47 -2.99 20.99 -24.75
N VAL A 48 -3.20 20.84 -23.43
CA VAL A 48 -4.49 20.41 -22.92
C VAL A 48 -5.57 21.40 -23.38
N GLU A 49 -5.26 22.70 -23.32
CA GLU A 49 -6.23 23.72 -23.73
C GLU A 49 -6.55 23.61 -25.21
N LYS A 50 -5.57 23.23 -26.03
CA LYS A 50 -5.83 23.02 -27.45
C LYS A 50 -6.88 21.93 -27.65
N GLY A 51 -6.74 20.82 -26.93
CA GLY A 51 -7.74 19.76 -27.03
C GLY A 51 -9.11 20.22 -26.55
N ALA A 52 -9.15 20.85 -25.37
CA ALA A 52 -10.42 21.30 -24.81
C ALA A 52 -11.12 22.31 -25.72
N LYS A 53 -10.36 23.27 -26.24
CA LYS A 53 -10.95 24.30 -27.12
C LYS A 53 -11.51 23.68 -28.40
N ALA A 54 -10.84 22.68 -28.95
CA ALA A 54 -11.32 22.02 -30.17
C ALA A 54 -12.62 21.26 -29.92
N ALA A 55 -12.71 20.56 -28.79
CA ALA A 55 -13.97 19.91 -28.44
C ALA A 55 -15.07 20.94 -28.26
N ALA A 56 -14.74 22.07 -27.62
CA ALA A 56 -15.71 23.13 -27.36
C ALA A 56 -16.23 23.73 -28.66
N LYS A 57 -15.35 23.95 -29.63
CA LYS A 57 -15.77 24.49 -30.93
C LYS A 57 -16.73 23.53 -31.62
N GLU A 58 -16.39 22.24 -31.64
CA GLU A 58 -17.27 21.23 -32.25
CA GLU A 58 -17.27 21.23 -32.24
C GLU A 58 -18.64 21.22 -31.57
N LEU A 59 -18.67 21.41 -30.25
CA LEU A 59 -19.94 21.33 -29.52
C LEU A 59 -20.66 22.67 -29.45
N GLY A 60 -20.04 23.76 -29.86
CA GLY A 60 -20.67 25.04 -29.70
C GLY A 60 -20.81 25.50 -28.27
N VAL A 61 -19.89 25.10 -27.40
CA VAL A 61 -19.89 25.58 -26.03
C VAL A 61 -18.75 26.61 -25.90
N ASP A 62 -18.86 27.46 -24.89
CA ASP A 62 -17.84 28.45 -24.57
C ASP A 62 -16.90 27.86 -23.53
N LEU A 63 -15.64 27.67 -23.91
CA LEU A 63 -14.64 27.15 -23.00
C LEU A 63 -13.73 28.29 -22.56
N GLU A 64 -13.76 28.60 -21.26
CA GLU A 64 -12.94 29.64 -20.69
C GLU A 64 -11.74 29.00 -20.01
N TYR A 65 -10.53 29.39 -20.42
CA TYR A 65 -9.27 28.88 -19.87
C TYR A 65 -8.77 29.88 -18.84
N ILE A 66 -8.84 29.51 -17.56
CA ILE A 66 -8.59 30.43 -16.45
C ILE A 66 -7.76 29.73 -15.41
N GLY A 67 -6.59 30.27 -15.10
CA GLY A 67 -5.67 29.62 -14.20
C GLY A 67 -4.61 30.55 -13.63
N PRO A 68 -3.89 30.07 -12.62
CA PRO A 68 -2.84 30.89 -11.99
C PRO A 68 -1.73 31.22 -12.98
N ARG A 69 -1.23 32.45 -12.91
CA ARG A 69 -0.04 32.77 -13.70
C ARG A 69 1.16 31.98 -13.21
N GLN A 70 1.20 31.70 -11.91
CA GLN A 70 2.25 30.94 -11.27
C GLN A 70 1.58 29.86 -10.42
N ALA A 71 1.94 28.60 -10.64
CA ALA A 71 1.26 27.50 -9.96
C ALA A 71 1.26 27.72 -8.46
N ASN A 72 0.09 27.56 -7.84
CA ASN A 72 -0.09 27.94 -6.44
C ASN A 72 -1.42 27.39 -5.96
N ILE A 73 -1.39 26.60 -4.87
CA ILE A 73 -2.60 25.91 -4.42
C ILE A 73 -3.70 26.92 -4.08
N ASP A 74 -3.38 27.92 -3.25
CA ASP A 74 -4.42 28.87 -2.83
C ASP A 74 -4.98 29.63 -4.02
N GLU A 75 -4.13 30.09 -4.94
CA GLU A 75 -4.64 30.80 -6.10
C GLU A 75 -5.52 29.90 -6.96
N HIS A 76 -5.10 28.65 -7.14
CA HIS A 76 -5.88 27.65 -7.85
C HIS A 76 -7.25 27.48 -7.22
N LEU A 77 -7.31 27.36 -5.92
CA LEU A 77 -8.55 27.22 -5.25
C LEU A 77 -9.41 28.48 -5.33
N ARG A 78 -8.81 29.64 -5.40
CA ARG A 78 -9.59 30.87 -5.49
C ARG A 78 -10.26 30.99 -6.85
N ILE A 79 -9.59 30.54 -7.91
CA ILE A 79 -10.14 30.58 -9.25
C ILE A 79 -11.29 29.60 -9.38
N LEU A 80 -11.18 28.43 -8.75
CA LEU A 80 -12.28 27.48 -8.76
C LEU A 80 -13.53 28.07 -8.11
N LYS A 81 -13.37 28.68 -6.94
CA LYS A 81 -14.53 29.26 -6.28
C LYS A 81 -15.10 30.43 -7.05
N LYS A 82 -14.24 31.22 -7.69
CA LYS A 82 -14.71 32.36 -8.47
C LYS A 82 -15.56 31.91 -9.65
N ALA A 83 -15.12 30.86 -10.35
CA ALA A 83 -15.92 30.33 -11.45
C ALA A 83 -17.24 29.75 -10.95
N ALA A 84 -17.23 29.06 -9.80
CA ALA A 84 -18.50 28.55 -9.29
C ALA A 84 -19.43 29.69 -8.88
N ALA A 85 -18.87 30.80 -8.43
CA ALA A 85 -19.69 31.95 -8.06
C ALA A 85 -20.30 32.63 -9.28
N ALA A 86 -19.64 32.54 -10.44
CA ALA A 86 -20.20 33.02 -11.69
C ALA A 86 -21.24 32.08 -12.28
N LYS A 87 -21.57 31.00 -11.59
CA LYS A 87 -22.62 30.05 -12.00
C LYS A 87 -22.39 29.49 -13.41
N VAL A 88 -21.16 29.04 -13.66
CA VAL A 88 -20.82 28.42 -14.93
C VAL A 88 -21.45 27.03 -14.96
N ASP A 89 -21.47 26.40 -16.13
CA ASP A 89 -22.18 25.14 -16.32
C ASP A 89 -21.34 23.91 -15.98
N GLY A 90 -20.03 24.06 -15.89
CA GLY A 90 -19.19 22.94 -15.51
C GLY A 90 -17.77 23.44 -15.30
N ILE A 91 -16.99 22.73 -14.48
CA ILE A 91 -15.63 23.14 -14.12
C ILE A 91 -14.74 21.92 -14.29
N ILE A 92 -13.65 22.09 -15.03
CA ILE A 92 -12.68 21.04 -15.30
C ILE A 92 -11.36 21.47 -14.70
N THR A 93 -10.79 20.62 -13.84
CA THR A 93 -9.61 20.99 -13.06
C THR A 93 -8.88 19.74 -12.58
N GLN A 94 -7.60 19.91 -12.28
CA GLN A 94 -6.89 18.91 -11.50
C GLN A 94 -7.47 18.86 -10.10
N GLY A 95 -7.52 17.66 -9.53
CA GLY A 95 -7.68 17.56 -8.10
C GLY A 95 -6.30 17.60 -7.51
N LEU A 96 -5.70 18.80 -7.46
CA LEU A 96 -4.25 18.93 -7.34
C LEU A 96 -3.74 18.34 -6.04
N THR A 97 -4.45 18.56 -4.93
CA THR A 97 -4.14 17.92 -3.65
C THR A 97 -5.41 17.30 -3.11
N GLU A 98 -5.24 16.35 -2.20
CA GLU A 98 -6.43 15.74 -1.59
C GLU A 98 -6.95 16.58 -0.45
N ALA A 99 -6.05 17.23 0.29
CA ALA A 99 -6.44 17.94 1.51
C ALA A 99 -7.21 19.22 1.20
N GLU A 100 -6.78 19.94 0.21
CA GLU A 100 -7.45 21.15 -0.11
C GLU A 100 -8.51 21.08 -1.20
N PHE A 101 -8.34 20.19 -2.18
CA PHE A 101 -9.23 20.18 -3.33
C PHE A 101 -10.48 19.32 -3.16
N VAL A 102 -10.45 18.28 -2.33
CA VAL A 102 -11.65 17.46 -2.13
C VAL A 102 -12.80 18.28 -1.53
N PRO A 103 -12.63 18.96 -0.39
CA PRO A 103 -13.75 19.77 0.12
C PRO A 103 -14.23 20.84 -0.86
N VAL A 104 -13.35 21.44 -1.66
CA VAL A 104 -13.78 22.48 -2.58
C VAL A 104 -14.52 21.87 -3.77
N ILE A 105 -14.01 20.77 -4.31
CA ILE A 105 -14.77 20.07 -5.36
C ILE A 105 -16.14 19.68 -4.85
N ASN A 106 -16.20 19.18 -3.60
CA ASN A 106 -17.49 18.76 -3.03
C ASN A 106 -18.44 19.94 -2.86
N GLU A 107 -17.95 21.08 -2.37
CA GLU A 107 -18.84 22.21 -2.16
C GLU A 107 -19.33 22.77 -3.49
N ILE A 108 -18.49 22.74 -4.54
CA ILE A 108 -18.92 23.18 -5.86
C ILE A 108 -20.01 22.24 -6.38
N THR A 109 -19.77 20.93 -6.26
CA THR A 109 -20.76 19.94 -6.67
C THR A 109 -22.09 20.17 -5.97
N ASP A 110 -22.05 20.53 -4.68
CA ASP A 110 -23.29 20.72 -3.92
C ASP A 110 -24.02 21.99 -4.32
N LYS A 111 -23.36 22.91 -5.02
CA LYS A 111 -24.03 24.04 -5.67
C LYS A 111 -24.51 23.69 -7.08
N ASN A 112 -24.61 22.40 -7.40
CA ASN A 112 -25.18 21.92 -8.67
C ASN A 112 -24.34 22.33 -9.88
N ILE A 113 -23.01 22.37 -9.73
CA ILE A 113 -22.09 22.57 -10.83
C ILE A 113 -21.27 21.29 -10.97
N PRO A 114 -21.35 20.56 -12.08
CA PRO A 114 -20.57 19.31 -12.19
C PRO A 114 -19.09 19.59 -12.34
N VAL A 115 -18.28 18.69 -11.77
CA VAL A 115 -16.82 18.82 -11.82
C VAL A 115 -16.26 17.58 -12.50
N VAL A 116 -15.43 17.80 -13.52
CA VAL A 116 -14.64 16.75 -14.15
C VAL A 116 -13.18 17.02 -13.81
N THR A 117 -12.50 16.03 -13.25
CA THR A 117 -11.08 16.19 -13.02
C THR A 117 -10.30 15.78 -14.27
N ILE A 118 -9.16 16.42 -14.46
CA ILE A 118 -8.33 16.23 -15.64
C ILE A 118 -6.87 16.17 -15.17
N ASP A 119 -6.09 15.25 -15.78
CA ASP A 119 -4.64 15.18 -15.61
C ASP A 119 -4.23 14.66 -14.23
N THR A 120 -4.92 15.07 -13.18
CA THR A 120 -4.69 14.64 -11.81
C THR A 120 -6.05 14.40 -11.18
N ASP A 121 -6.25 13.22 -10.60
CA ASP A 121 -7.58 12.89 -10.06
C ASP A 121 -7.70 13.22 -8.56
N ALA A 122 -8.93 13.47 -8.13
CA ALA A 122 -9.30 13.49 -6.70
C ALA A 122 -10.33 12.39 -6.45
N PRO A 123 -9.90 11.13 -6.42
CA PRO A 123 -10.87 10.01 -6.51
C PRO A 123 -11.76 9.84 -5.30
N THR A 124 -11.44 10.45 -4.16
CA THR A 124 -12.36 10.41 -3.03
C THR A 124 -13.38 11.55 -3.07
N SER A 125 -13.28 12.48 -4.03
CA SER A 125 -14.24 13.57 -4.09
C SER A 125 -15.49 13.15 -4.86
N ARG A 126 -16.46 14.06 -4.95
CA ARG A 126 -17.68 13.80 -5.69
C ARG A 126 -17.61 14.33 -7.12
N ARG A 127 -16.41 14.64 -7.62
CA ARG A 127 -16.25 14.85 -9.06
C ARG A 127 -16.94 13.72 -9.82
N VAL A 128 -17.59 14.08 -10.94
CA VAL A 128 -18.38 13.09 -11.67
C VAL A 128 -17.46 12.09 -12.38
N ALA A 129 -16.36 12.56 -12.95
CA ALA A 129 -15.53 11.70 -13.79
C ALA A 129 -14.15 12.31 -13.85
N TYR A 130 -13.16 11.45 -14.14
CA TYR A 130 -11.76 11.83 -14.30
C TYR A 130 -11.29 11.45 -15.71
N VAL A 131 -10.50 12.32 -16.33
CA VAL A 131 -9.82 11.99 -17.59
C VAL A 131 -8.35 12.36 -17.43
N GLY A 132 -7.48 11.36 -17.47
CA GLY A 132 -6.07 11.66 -17.32
C GLY A 132 -5.29 10.37 -17.20
N THR A 133 -3.98 10.53 -17.16
CA THR A 133 -3.10 9.39 -16.98
C THR A 133 -3.39 8.69 -15.65
N ASP A 134 -3.22 7.37 -15.64
CA ASP A 134 -3.02 6.63 -14.40
C ASP A 134 -1.64 6.99 -13.85
N ASN A 135 -1.59 7.96 -12.94
CA ASN A 135 -0.29 8.56 -12.58
C ASN A 135 0.60 7.60 -11.79
N TYR A 136 0.01 6.81 -10.88
CA TYR A 136 0.79 5.80 -10.18
C TYR A 136 1.46 4.86 -11.17
N TYR A 137 0.69 4.38 -12.14
CA TYR A 137 1.21 3.38 -13.07
C TYR A 137 2.18 3.99 -14.06
N ALA A 138 1.97 5.26 -14.42
CA ALA A 138 2.96 5.99 -15.22
C ALA A 138 4.33 5.96 -14.55
N GLY A 139 4.38 6.22 -13.25
CA GLY A 139 5.65 6.22 -12.55
C GLY A 139 6.23 4.83 -12.43
N PHE A 140 5.37 3.84 -12.20
CA PHE A 140 5.80 2.45 -12.14
C PHE A 140 6.47 2.03 -13.45
N LEU A 141 5.88 2.40 -14.59
CA LEU A 141 6.49 2.13 -15.89
C LEU A 141 7.84 2.83 -16.02
N ALA A 142 7.93 4.08 -15.55
CA ALA A 142 9.22 4.77 -15.58
C ALA A 142 10.23 4.02 -14.72
N GLY A 143 9.79 3.46 -13.59
CA GLY A 143 10.70 2.71 -12.75
C GLY A 143 11.15 1.41 -13.42
N ARG A 144 10.21 0.66 -13.99
CA ARG A 144 10.58 -0.51 -14.78
C ARG A 144 11.58 -0.16 -15.86
N ALA A 145 11.34 0.96 -16.56
CA ALA A 145 12.19 1.35 -17.68
C ALA A 145 13.61 1.64 -17.21
N LEU A 146 13.76 2.42 -16.14
CA LEU A 146 15.09 2.75 -15.65
C LEU A 146 15.83 1.49 -15.21
N ALA A 147 15.11 0.56 -14.56
CA ALA A 147 15.73 -0.69 -14.11
C ALA A 147 16.18 -1.54 -15.28
N GLU A 148 15.38 -1.58 -16.36
CA GLU A 148 15.76 -2.31 -17.56
C GLU A 148 16.98 -1.69 -18.22
N ASP A 149 16.94 -0.39 -18.49
CA ASP A 149 18.00 0.26 -19.24
C ASP A 149 19.33 0.29 -18.48
N THR A 150 19.28 0.35 -17.15
CA THR A 150 20.49 0.34 -16.35
C THR A 150 20.83 -1.04 -15.78
N LYS A 151 20.08 -2.07 -16.17
CA LYS A 151 20.29 -3.44 -15.70
C LYS A 151 20.36 -3.52 -14.18
N GLY A 152 19.52 -2.71 -13.52
CA GLY A 152 19.38 -2.79 -12.08
C GLY A 152 20.44 -2.08 -11.27
N LYS A 153 21.25 -1.21 -11.90
CA LYS A 153 22.36 -0.56 -11.22
C LYS A 153 22.35 0.93 -11.54
N ALA A 154 22.05 1.76 -10.54
CA ALA A 154 21.93 3.20 -10.77
C ALA A 154 21.91 3.94 -9.44
N THR A 155 22.53 5.11 -9.42
CA THR A 155 22.47 6.06 -8.31
C THR A 155 21.55 7.20 -8.77
N VAL A 156 20.34 7.24 -8.21
CA VAL A 156 19.23 7.99 -8.80
C VAL A 156 18.96 9.25 -8.00
N ALA A 157 18.78 10.36 -8.70
CA ALA A 157 18.14 11.54 -8.16
C ALA A 157 16.82 11.79 -8.89
N ILE A 158 15.86 12.36 -8.16
CA ILE A 158 14.51 12.60 -8.65
C ILE A 158 14.26 14.10 -8.60
N ILE A 159 13.80 14.65 -9.72
CA ILE A 159 13.24 15.99 -9.75
C ILE A 159 11.75 15.86 -9.99
N THR A 160 10.94 16.45 -9.11
CA THR A 160 9.50 16.32 -9.17
C THR A 160 8.89 17.73 -9.16
N GLY A 161 7.71 17.86 -9.75
CA GLY A 161 7.08 19.16 -9.83
C GLY A 161 6.84 19.79 -8.47
N SER A 162 6.37 19.00 -7.51
CA SER A 162 6.19 19.44 -6.13
C SER A 162 5.95 18.19 -5.28
N LEU A 163 6.18 18.34 -3.97
CA LEU A 163 5.98 17.23 -3.04
C LEU A 163 4.55 17.10 -2.56
N THR A 164 3.68 18.07 -2.88
CA THR A 164 2.30 18.09 -2.43
CA THR A 164 2.31 18.04 -2.42
C THR A 164 1.31 17.70 -3.51
N ALA A 165 1.61 17.96 -4.78
CA ALA A 165 0.68 17.66 -5.85
C ALA A 165 0.49 16.15 -6.01
N ALA A 166 -0.78 15.76 -6.15
CA ALA A 166 -1.14 14.35 -6.09
C ALA A 166 -0.53 13.56 -7.25
N HIS A 167 -0.52 14.11 -8.47
CA HIS A 167 0.01 13.34 -9.59
C HIS A 167 1.52 13.18 -9.48
N GLN A 168 2.20 14.19 -8.95
CA GLN A 168 3.63 14.09 -8.69
C GLN A 168 3.92 13.04 -7.63
N GLN A 169 3.17 13.06 -6.53
CA GLN A 169 3.36 12.05 -5.50
C GLN A 169 3.17 10.65 -6.06
N LEU A 170 2.15 10.46 -6.90
CA LEU A 170 1.87 9.13 -7.41
C LEU A 170 2.96 8.65 -8.37
N ARG A 171 3.50 9.55 -9.20
CA ARG A 171 4.55 9.17 -10.15
C ARG A 171 5.86 8.84 -9.45
N VAL A 172 6.15 9.57 -8.36
CA VAL A 172 7.30 9.20 -7.54
C VAL A 172 7.07 7.86 -6.87
N ARG A 173 5.89 7.69 -6.26
CA ARG A 173 5.63 6.49 -5.47
C ARG A 173 5.60 5.24 -6.35
N GLY A 174 5.04 5.34 -7.56
CA GLY A 174 5.06 4.20 -8.47
C GLY A 174 6.46 3.85 -8.93
N PHE A 175 7.28 4.88 -9.20
CA PHE A 175 8.68 4.64 -9.54
C PHE A 175 9.39 3.87 -8.44
N GLU A 176 9.23 4.34 -7.20
CA GLU A 176 9.90 3.73 -6.05
C GLU A 176 9.47 2.28 -5.87
N ASP A 177 8.18 2.00 -6.02
CA ASP A 177 7.71 0.62 -5.91
C ASP A 177 8.33 -0.25 -7.00
N ALA A 178 8.48 0.30 -8.21
CA ALA A 178 8.96 -0.50 -9.33
C ALA A 178 10.43 -0.87 -9.19
N VAL A 179 11.26 0.03 -8.65
CA VAL A 179 12.69 -0.24 -8.50
C VAL A 179 13.03 -0.83 -7.14
N ARG A 180 12.03 -1.09 -6.29
CA ARG A 180 12.30 -1.52 -4.91
CA ARG A 180 12.32 -1.51 -4.91
C ARG A 180 12.95 -2.89 -4.85
N GLN A 181 12.64 -3.76 -5.81
CA GLN A 181 13.26 -5.09 -5.83
C GLN A 181 14.62 -5.09 -6.51
N GLU A 182 15.17 -3.92 -6.88
CA GLU A 182 16.51 -3.83 -7.46
C GLU A 182 17.45 -3.29 -6.38
N LYS A 183 18.24 -4.20 -5.79
CA LYS A 183 19.15 -3.82 -4.72
C LYS A 183 20.17 -2.78 -5.17
N GLY A 184 20.54 -2.79 -6.45
CA GLY A 184 21.55 -1.91 -6.99
C GLY A 184 21.07 -0.55 -7.44
N ILE A 185 19.79 -0.25 -7.25
CA ILE A 185 19.25 1.08 -7.51
C ILE A 185 18.99 1.74 -6.17
N ARG A 186 19.60 2.92 -5.97
CA ARG A 186 19.40 3.71 -4.77
C ARG A 186 19.02 5.11 -5.16
N ILE A 187 18.02 5.65 -4.47
CA ILE A 187 17.58 7.02 -4.65
C ILE A 187 18.23 7.86 -3.57
N VAL A 188 19.04 8.83 -3.97
CA VAL A 188 19.84 9.61 -3.03
C VAL A 188 19.36 11.04 -2.92
N ALA A 189 18.39 11.45 -3.70
CA ALA A 189 17.94 12.84 -3.66
C ALA A 189 16.60 12.96 -4.36
N ILE A 190 15.71 13.78 -3.79
CA ILE A 190 14.43 14.17 -4.37
C ILE A 190 14.28 15.67 -4.17
N GLU A 191 14.12 16.42 -5.26
CA GLU A 191 14.01 17.87 -5.20
C GLU A 191 12.83 18.36 -6.05
N GLU A 192 12.30 19.52 -5.70
CA GLU A 192 11.16 20.13 -6.37
C GLU A 192 11.61 21.16 -7.39
N SER A 193 10.97 21.15 -8.56
CA SER A 193 11.27 22.10 -9.62
C SER A 193 10.24 23.22 -9.74
N HIS A 194 9.09 23.10 -9.08
CA HIS A 194 7.97 24.05 -9.24
C HIS A 194 7.65 24.25 -10.73
N ILE A 195 7.70 23.14 -11.47
CA ILE A 195 7.40 22.98 -12.89
C ILE A 195 7.97 24.10 -13.78
N THR A 196 9.17 24.59 -13.48
CA THR A 196 9.84 25.48 -14.40
C THR A 196 11.15 24.84 -14.86
N ARG A 197 11.58 25.19 -16.07
CA ARG A 197 12.86 24.70 -16.56
C ARG A 197 14.00 25.16 -15.66
N VAL A 198 13.90 26.40 -15.15
CA VAL A 198 15.04 27.00 -14.49
C VAL A 198 15.27 26.40 -13.12
N GLN A 199 14.19 26.11 -12.38
CA GLN A 199 14.40 25.47 -11.09
C GLN A 199 14.81 24.00 -11.25
N ALA A 200 14.30 23.32 -12.27
CA ALA A 200 14.76 21.96 -12.53
C ALA A 200 16.27 21.93 -12.75
N ALA A 201 16.78 22.85 -13.59
CA ALA A 201 18.22 22.95 -13.83
C ALA A 201 18.98 23.32 -12.56
N GLU A 202 18.49 24.31 -11.81
CA GLU A 202 19.15 24.69 -10.56
C GLU A 202 19.25 23.50 -9.62
N LYS A 203 18.16 22.78 -9.46
CA LYS A 203 18.16 21.62 -8.57
C LYS A 203 19.12 20.54 -9.07
N ALA A 204 19.14 20.30 -10.38
CA ALA A 204 20.06 19.29 -10.92
C ALA A 204 21.50 19.63 -10.58
N TYR A 205 21.86 20.91 -10.73
CA TYR A 205 23.23 21.35 -10.46
C TYR A 205 23.60 21.13 -9.00
N THR A 206 22.76 21.59 -8.08
CA THR A 206 23.05 21.41 -6.66
C THR A 206 23.06 19.93 -6.27
N ILE A 207 22.23 19.10 -6.90
CA ILE A 207 22.28 17.66 -6.64
C ILE A 207 23.64 17.10 -7.02
N LEU A 208 24.15 17.49 -8.19
CA LEU A 208 25.42 16.95 -8.64
C LEU A 208 26.58 17.42 -7.76
N LYS A 209 26.49 18.62 -7.17
CA LYS A 209 27.60 19.05 -6.34
C LYS A 209 27.56 18.38 -4.96
N LYS A 210 26.37 18.17 -4.39
CA LYS A 210 26.28 17.45 -3.13
C LYS A 210 26.40 15.94 -3.29
N HIS A 211 26.02 15.40 -4.44
CA HIS A 211 26.04 13.96 -4.70
C HIS A 211 26.74 13.71 -6.02
N PRO A 212 28.08 13.79 -6.04
CA PRO A 212 28.79 13.54 -7.30
C PRO A 212 28.62 12.12 -7.82
N ASP A 213 28.06 11.20 -7.03
CA ASP A 213 27.88 9.83 -7.47
C ASP A 213 26.59 9.61 -8.25
N VAL A 214 25.68 10.59 -8.29
CA VAL A 214 24.46 10.45 -9.10
C VAL A 214 24.83 10.23 -10.56
N ASN A 215 24.28 9.16 -11.14
CA ASN A 215 24.44 8.90 -12.56
C ASN A 215 23.10 8.64 -13.25
N ALA A 216 21.99 8.91 -12.57
CA ALA A 216 20.67 8.72 -13.14
C ALA A 216 19.71 9.76 -12.57
N PHE A 217 18.90 10.36 -13.45
CA PHE A 217 17.86 11.30 -13.06
C PHE A 217 16.50 10.82 -13.53
N TYR A 218 15.48 11.07 -12.72
CA TYR A 218 14.09 10.80 -13.04
C TYR A 218 13.30 12.09 -12.82
N GLY A 219 12.73 12.64 -13.89
CA GLY A 219 11.89 13.83 -13.79
C GLY A 219 10.43 13.42 -13.95
N THR A 220 9.55 14.02 -13.13
CA THR A 220 8.17 13.56 -13.09
C THR A 220 7.17 14.54 -13.68
N SER A 221 7.63 15.66 -14.24
CA SER A 221 6.73 16.59 -14.91
C SER A 221 7.42 17.09 -16.17
N ALA A 222 6.68 17.87 -16.98
CA ALA A 222 6.99 17.98 -18.40
C ALA A 222 8.30 18.70 -18.69
N LEU A 223 8.78 19.55 -17.79
CA LEU A 223 9.99 20.34 -18.04
C LEU A 223 11.20 19.86 -17.24
N ASP A 224 11.03 18.86 -16.38
CA ASP A 224 12.10 18.47 -15.46
C ASP A 224 13.30 17.92 -16.22
N ALA A 225 13.07 16.95 -17.10
CA ALA A 225 14.20 16.32 -17.80
C ALA A 225 14.87 17.30 -18.75
N ILE A 226 14.13 18.30 -19.22
CA ILE A 226 14.74 19.37 -20.00
C ILE A 226 15.71 20.16 -19.13
N GLY A 227 15.30 20.48 -17.90
CA GLY A 227 16.22 21.17 -16.99
C GLY A 227 17.45 20.35 -16.68
N VAL A 228 17.26 19.05 -16.44
CA VAL A 228 18.40 18.18 -16.13
C VAL A 228 19.33 18.08 -17.33
N ALA A 229 18.77 17.90 -18.53
CA ALA A 229 19.60 17.69 -19.71
C ALA A 229 20.48 18.90 -19.98
N LYS A 230 19.94 20.12 -19.79
CA LYS A 230 20.76 21.31 -19.96
C LYS A 230 21.97 21.28 -19.03
N VAL A 231 21.78 20.88 -17.78
CA VAL A 231 22.88 20.87 -16.83
C VAL A 231 23.87 19.75 -17.18
N VAL A 232 23.36 18.56 -17.53
CA VAL A 232 24.23 17.45 -17.89
C VAL A 232 25.11 17.81 -19.09
N GLU A 233 24.52 18.46 -20.10
CA GLU A 233 25.29 18.80 -21.29
C GLU A 233 26.34 19.86 -21.01
N GLN A 234 26.10 20.75 -20.03
CA GLN A 234 27.10 21.77 -19.72
C GLN A 234 28.34 21.17 -19.07
N PHE A 235 28.19 20.08 -18.32
CA PHE A 235 29.36 19.35 -17.86
C PHE A 235 30.09 18.69 -19.02
N HIS A 236 29.33 18.07 -19.93
CA HIS A 236 29.89 17.25 -21.00
C HIS A 236 30.96 16.30 -20.44
N ARG A 237 30.52 15.48 -19.49
CA ARG A 237 31.35 14.41 -18.98
C ARG A 237 31.43 13.27 -20.01
N GLU A 238 32.48 12.45 -19.90
CA GLU A 238 32.52 11.24 -20.70
C GLU A 238 31.57 10.18 -20.15
N GLN A 239 31.59 9.99 -18.85
CA GLN A 239 30.76 9.01 -18.21
C GLN A 239 29.29 9.46 -18.19
N LYS A 240 28.51 8.89 -19.08
CA LYS A 240 27.15 9.32 -19.26
C LYS A 240 26.20 9.23 -18.04
N THR A 241 25.12 10.00 -18.14
CA THR A 241 24.11 10.11 -17.11
C THR A 241 22.80 9.67 -17.73
N TYR A 242 22.08 8.80 -17.05
CA TYR A 242 20.80 8.30 -17.53
C TYR A 242 19.69 9.26 -17.11
N ILE A 243 18.88 9.70 -18.08
CA ILE A 243 17.77 10.61 -17.79
C ILE A 243 16.49 9.97 -18.31
N ILE A 244 15.51 9.79 -17.42
CA ILE A 244 14.15 9.47 -17.85
C ILE A 244 13.23 10.57 -17.34
N GLY A 245 12.46 11.16 -18.24
CA GLY A 245 11.55 12.23 -17.89
C GLY A 245 10.12 11.97 -18.28
N PHE A 246 9.27 13.01 -18.22
CA PHE A 246 7.86 12.91 -18.57
C PHE A 246 7.54 13.78 -19.78
N ASP A 247 6.58 13.29 -20.56
CA ASP A 247 5.94 14.00 -21.67
C ASP A 247 6.85 14.17 -22.87
N THR A 248 6.31 14.77 -23.93
CA THR A 248 6.93 14.73 -25.24
C THR A 248 6.96 16.12 -25.85
N LEU A 249 7.20 17.13 -25.02
CA LEU A 249 7.39 18.48 -25.54
C LEU A 249 8.57 18.48 -26.52
N PRO A 250 8.57 19.40 -27.49
CA PRO A 250 9.63 19.40 -28.52
C PRO A 250 11.06 19.33 -27.98
N GLU A 251 11.39 20.07 -26.92
CA GLU A 251 12.76 20.03 -26.40
C GLU A 251 13.11 18.65 -25.85
N THR A 252 12.14 17.96 -25.23
CA THR A 252 12.37 16.59 -24.78
C THR A 252 12.69 15.68 -25.96
N ILE A 253 11.87 15.75 -27.02
CA ILE A 253 12.11 14.89 -28.17
C ILE A 253 13.48 15.16 -28.78
N ARG A 254 13.86 16.44 -28.87
CA ARG A 254 15.17 16.80 -29.38
C ARG A 254 16.29 16.16 -28.57
N TYR A 255 16.22 16.29 -27.24
CA TYR A 255 17.23 15.69 -26.37
C TYR A 255 17.25 14.17 -26.48
N LEU A 256 16.07 13.55 -26.62
CA LEU A 256 15.98 12.13 -26.87
C LEU A 256 16.67 11.76 -28.17
N GLN A 257 16.48 12.57 -29.21
CA GLN A 257 17.16 12.32 -30.47
C GLN A 257 18.67 12.49 -30.32
N LYS A 258 19.11 13.47 -29.54
CA LYS A 258 20.52 13.70 -29.30
C LYS A 258 21.15 12.64 -28.40
N GLY A 259 20.34 11.83 -27.72
CA GLY A 259 20.85 10.84 -26.79
C GLY A 259 21.05 11.35 -25.38
N THR A 260 20.88 12.66 -25.15
CA THR A 260 21.06 13.22 -23.81
C THR A 260 20.01 12.67 -22.85
N ILE A 261 18.74 12.66 -23.26
CA ILE A 261 17.67 11.97 -22.55
C ILE A 261 17.55 10.56 -23.10
N ALA A 262 17.38 9.59 -22.21
CA ALA A 262 17.27 8.19 -22.62
C ALA A 262 15.84 7.73 -22.84
N ALA A 263 14.88 8.28 -22.12
CA ALA A 263 13.52 7.79 -22.21
C ALA A 263 12.57 8.85 -21.69
N THR A 264 11.29 8.70 -22.03
CA THR A 264 10.31 9.61 -21.45
C THR A 264 8.94 8.96 -21.45
N VAL A 265 8.12 9.35 -20.47
CA VAL A 265 6.79 8.78 -20.28
C VAL A 265 5.78 9.59 -21.08
N VAL A 266 5.03 8.91 -21.94
CA VAL A 266 4.08 9.60 -22.82
C VAL A 266 2.80 9.88 -22.05
N GLN A 267 2.23 11.06 -22.27
CA GLN A 267 0.86 11.33 -21.87
C GLN A 267 0.10 11.83 -23.08
N GLU A 268 -1.21 12.03 -22.93
CA GLU A 268 -2.05 12.51 -24.03
C GLU A 268 -2.77 13.78 -23.60
N PRO A 269 -2.04 14.90 -23.47
CA PRO A 269 -2.69 16.13 -22.99
C PRO A 269 -3.83 16.62 -23.88
N TYR A 270 -3.62 16.67 -25.20
CA TYR A 270 -4.68 17.12 -26.09
C TYR A 270 -5.93 16.27 -25.90
N GLU A 271 -5.75 14.96 -25.79
CA GLU A 271 -6.88 14.05 -25.69
C GLU A 271 -7.61 14.20 -24.37
N MET A 272 -6.90 14.42 -23.26
CA MET A 272 -7.66 14.60 -22.02
C MET A 272 -8.46 15.90 -22.03
N GLY A 273 -7.93 16.95 -22.66
CA GLY A 273 -8.70 18.18 -22.77
C GLY A 273 -9.92 18.01 -23.66
N TYR A 274 -9.74 17.35 -24.81
CA TYR A 274 -10.85 17.07 -25.72
C TYR A 274 -11.90 16.18 -25.06
N LYS A 275 -11.46 15.09 -24.44
CA LYS A 275 -12.41 14.16 -23.83
C LYS A 275 -13.06 14.75 -22.58
N ALA A 276 -12.34 15.59 -21.82
CA ALA A 276 -12.96 16.21 -20.66
C ALA A 276 -14.13 17.10 -21.06
N VAL A 277 -14.01 17.83 -22.17
CA VAL A 277 -15.07 18.71 -22.59
C VAL A 277 -16.25 17.89 -23.13
N LYS A 278 -15.96 16.84 -23.91
CA LYS A 278 -17.02 15.96 -24.38
C LYS A 278 -17.75 15.28 -23.22
N MET A 279 -17.01 14.81 -22.22
CA MET A 279 -17.66 14.21 -21.05
C MET A 279 -18.55 15.23 -20.35
N MET A 280 -18.04 16.46 -20.16
CA MET A 280 -18.81 17.48 -19.48
C MET A 280 -20.16 17.71 -20.18
N ALA A 281 -20.16 17.75 -21.51
CA ALA A 281 -21.39 17.98 -22.25
C ALA A 281 -22.37 16.82 -22.04
N GLU A 282 -21.86 15.59 -21.97
CA GLU A 282 -22.72 14.43 -21.70
C GLU A 282 -23.32 14.51 -20.30
N ILE A 283 -22.54 14.93 -19.31
CA ILE A 283 -23.03 15.08 -17.95
C ILE A 283 -24.11 16.16 -17.90
N VAL A 284 -23.86 17.29 -18.55
CA VAL A 284 -24.84 18.38 -18.56
C VAL A 284 -26.15 17.94 -19.19
N ALA A 285 -26.09 16.94 -20.08
CA ALA A 285 -27.25 16.36 -20.74
C ALA A 285 -27.97 15.33 -19.90
N GLY A 286 -27.46 15.01 -18.72
CA GLY A 286 -28.03 13.93 -17.92
C GLY A 286 -27.63 12.53 -18.33
N LYS A 287 -26.50 12.36 -19.03
CA LYS A 287 -26.06 11.06 -19.51
C LYS A 287 -24.88 10.53 -18.71
N ASP A 288 -24.83 9.20 -18.56
CA ASP A 288 -23.75 8.58 -17.81
C ASP A 288 -22.44 8.62 -18.58
N VAL A 289 -21.35 8.73 -17.83
CA VAL A 289 -19.99 8.58 -18.36
C VAL A 289 -19.18 7.75 -17.39
N PRO A 290 -18.12 7.09 -17.89
CA PRO A 290 -17.27 6.29 -17.02
C PRO A 290 -16.65 7.14 -15.92
N VAL A 291 -16.52 6.57 -14.72
CA VAL A 291 -15.93 7.30 -13.61
C VAL A 291 -14.47 7.66 -13.92
N VAL A 292 -13.72 6.74 -14.53
CA VAL A 292 -12.31 6.98 -14.84
C VAL A 292 -12.05 6.63 -16.30
N THR A 293 -11.48 7.58 -17.03
CA THR A 293 -10.97 7.35 -18.37
C THR A 293 -9.46 7.63 -18.34
N ASN A 294 -8.64 6.59 -18.34
CA ASN A 294 -7.20 6.75 -18.32
C ASN A 294 -6.68 6.85 -19.75
N THR A 295 -6.18 8.02 -20.13
CA THR A 295 -5.56 8.16 -21.43
C THR A 295 -4.22 7.41 -21.45
N GLU A 296 -3.78 7.08 -22.66
CA GLU A 296 -2.61 6.21 -22.86
C GLU A 296 -1.37 6.75 -22.16
N THR A 297 -0.59 5.84 -21.54
CA THR A 297 0.75 6.17 -21.06
C THR A 297 1.66 4.98 -21.35
N LYS A 298 2.92 5.29 -21.65
CA LYS A 298 3.92 4.28 -22.02
C LYS A 298 5.27 4.97 -22.07
N VAL A 299 6.32 4.20 -21.83
CA VAL A 299 7.68 4.72 -21.95
C VAL A 299 8.11 4.59 -23.40
N ILE A 300 8.66 5.65 -23.96
CA ILE A 300 9.25 5.60 -25.29
C ILE A 300 10.72 5.96 -25.17
N ARG A 301 11.49 5.48 -26.14
CA ARG A 301 12.92 5.75 -26.25
C ARG A 301 13.19 6.26 -27.66
N LYS A 302 14.46 6.55 -27.93
CA LYS A 302 14.86 7.07 -29.24
C LYS A 302 14.46 6.14 -30.38
N LYS A 303 14.44 4.82 -30.15
CA LYS A 303 14.03 3.88 -31.18
C LYS A 303 12.58 4.02 -31.58
N ASP A 304 11.78 4.74 -30.78
CA ASP A 304 10.37 4.92 -31.10
C ASP A 304 10.12 6.19 -31.90
N LEU A 305 11.12 7.03 -32.07
CA LEU A 305 11.00 8.21 -32.90
C LEU A 305 11.15 7.82 -34.35
N PRO A 306 10.23 8.25 -35.24
CA PRO A 306 9.28 9.38 -35.35
C PRO A 306 8.07 9.30 -34.43
N LEU A 307 7.07 10.20 -34.50
CA LEU A 307 5.80 9.82 -33.91
C LEU A 307 4.62 10.50 -34.61
N GLU B 25 17.51 31.25 32.01
CA GLU B 25 16.57 32.36 32.02
C GLU B 25 17.29 33.58 31.47
N THR B 26 17.77 34.38 32.40
CA THR B 26 18.63 35.45 32.00
C THR B 26 20.09 35.03 32.12
N THR B 27 20.35 33.79 32.53
CA THR B 27 21.66 33.27 32.75
C THR B 27 22.15 32.86 31.42
N LYS B 28 23.14 33.59 30.94
CA LYS B 28 23.74 33.33 29.66
C LYS B 28 24.51 32.03 29.72
N GLU B 29 24.80 31.57 30.92
CA GLU B 29 25.52 30.32 31.11
C GLU B 29 24.76 29.14 30.53
N ALA B 30 23.43 29.09 30.72
CA ALA B 30 22.69 27.85 30.53
C ALA B 30 22.45 27.56 29.05
N TYR B 31 22.20 26.29 28.75
CA TYR B 31 21.61 25.96 27.46
C TYR B 31 20.23 26.58 27.38
N HIS B 32 19.89 27.11 26.23
CA HIS B 32 18.58 27.68 26.00
C HIS B 32 17.87 26.83 24.96
N PHE B 33 16.82 26.16 25.38
CA PHE B 33 15.94 25.37 24.51
C PHE B 33 14.60 26.10 24.36
N VAL B 34 14.08 26.15 23.15
CA VAL B 34 12.77 26.74 22.86
C VAL B 34 11.80 25.61 22.53
N LEU B 35 10.70 25.53 23.26
CA LEU B 35 9.56 24.67 22.92
C LEU B 35 8.45 25.53 22.34
N VAL B 36 8.03 25.21 21.13
CA VAL B 36 6.97 25.95 20.44
C VAL B 36 5.72 25.08 20.44
N PRO B 37 4.65 25.48 21.10
CA PRO B 37 3.39 24.73 21.02
C PRO B 37 2.61 25.11 19.77
N GLU B 38 1.59 24.30 19.47
CA GLU B 38 0.67 24.64 18.39
C GLU B 38 -0.06 25.95 18.72
N GLU B 39 -0.33 26.17 20.01
CA GLU B 39 -1.12 27.28 20.51
C GLU B 39 -0.83 27.40 21.99
N LEU B 40 -0.49 28.63 22.43
CA LEU B 40 0.17 28.84 23.71
C LEU B 40 -0.63 28.26 24.88
N ASP B 41 -1.92 28.59 24.95
CA ASP B 41 -2.73 28.22 26.11
C ASP B 41 -3.70 27.08 25.83
N ASN B 42 -3.46 26.31 24.78
CA ASN B 42 -4.19 25.07 24.58
C ASN B 42 -3.85 24.10 25.70
N ASP B 43 -4.88 23.49 26.29
CA ASP B 43 -4.72 22.75 27.55
C ASP B 43 -3.81 21.54 27.38
N TYR B 44 -3.88 20.87 26.22
CA TYR B 44 -2.95 19.78 25.94
C TYR B 44 -1.52 20.29 25.91
N TRP B 45 -1.28 21.40 25.20
CA TRP B 45 0.11 21.87 25.02
C TRP B 45 0.71 22.37 26.32
N ARG B 46 -0.11 22.83 27.26
CA ARG B 46 0.43 23.15 28.58
C ARG B 46 0.89 21.90 29.32
N LEU B 47 0.21 20.75 29.13
CA LEU B 47 0.71 19.50 29.72
C LEU B 47 2.05 19.13 29.12
N VAL B 48 2.20 19.28 27.81
CA VAL B 48 3.51 19.08 27.19
C VAL B 48 4.53 20.00 27.82
N GLU B 49 4.13 21.23 28.13
CA GLU B 49 5.07 22.19 28.71
C GLU B 49 5.52 21.75 30.10
N LYS B 50 4.58 21.25 30.91
CA LYS B 50 4.90 20.81 32.26
C LYS B 50 5.95 19.70 32.23
N GLY B 51 5.86 18.79 31.25
CA GLY B 51 6.88 17.76 31.13
C GLY B 51 8.22 18.31 30.69
N ALA B 52 8.21 19.20 29.70
CA ALA B 52 9.47 19.78 29.23
C ALA B 52 10.13 20.60 30.33
N LYS B 53 9.37 21.44 31.03
CA LYS B 53 9.97 22.26 32.07
C LYS B 53 10.53 21.42 33.21
N ALA B 54 9.88 20.29 33.52
CA ALA B 54 10.38 19.40 34.56
C ALA B 54 11.72 18.79 34.19
N ALA B 55 11.83 18.27 32.97
CA ALA B 55 13.12 17.77 32.50
C ALA B 55 14.18 18.88 32.50
N ALA B 56 13.80 20.07 32.03
CA ALA B 56 14.74 21.19 31.99
C ALA B 56 15.25 21.53 33.37
N LYS B 57 14.36 21.58 34.37
CA LYS B 57 14.78 21.91 35.73
C LYS B 57 15.76 20.89 36.25
N GLU B 58 15.56 19.60 35.92
CA GLU B 58 16.51 18.57 36.34
C GLU B 58 17.88 18.78 35.71
N LEU B 59 17.92 19.25 34.47
CA LEU B 59 19.18 19.35 33.76
C LEU B 59 19.83 20.72 33.88
N GLY B 60 19.24 21.66 34.62
CA GLY B 60 19.82 22.99 34.66
C GLY B 60 19.74 23.74 33.36
N VAL B 61 18.72 23.44 32.55
CA VAL B 61 18.52 24.04 31.23
C VAL B 61 17.41 25.09 31.31
N ASP B 62 17.52 26.14 30.50
CA ASP B 62 16.48 27.15 30.36
C ASP B 62 15.58 26.74 29.21
N LEU B 63 14.33 26.45 29.53
CA LEU B 63 13.34 26.06 28.53
C LEU B 63 12.37 27.22 28.35
N GLU B 64 12.39 27.84 27.17
CA GLU B 64 11.47 28.94 26.90
CA GLU B 64 11.50 28.96 26.85
C GLU B 64 10.31 28.41 26.07
N TYR B 65 9.11 28.65 26.58
CA TYR B 65 7.86 28.23 25.98
C TYR B 65 7.33 29.41 25.18
N ILE B 66 7.46 29.35 23.85
CA ILE B 66 7.13 30.46 22.95
C ILE B 66 6.24 29.92 21.84
N GLY B 67 5.03 30.49 21.70
CA GLY B 67 4.10 29.99 20.71
C GLY B 67 3.00 30.95 20.29
N PRO B 68 2.32 30.63 19.18
CA PRO B 68 1.22 31.50 18.70
C PRO B 68 0.11 31.61 19.74
N ARG B 69 -0.47 32.81 19.84
CA ARG B 69 -1.61 32.95 20.74
C ARG B 69 -2.81 32.15 20.24
N GLN B 70 -3.02 32.09 18.93
CA GLN B 70 -3.96 31.15 18.34
C GLN B 70 -3.28 30.47 17.17
N ALA B 71 -3.63 29.21 16.96
CA ALA B 71 -2.91 28.37 16.01
C ALA B 71 -2.92 28.99 14.62
N ASN B 72 -1.75 29.02 13.99
CA ASN B 72 -1.58 29.71 12.71
C ASN B 72 -0.23 29.32 12.13
N ILE B 73 -0.22 28.81 10.89
CA ILE B 73 1.01 28.29 10.30
C ILE B 73 2.06 29.39 10.16
N ASP B 74 1.68 30.54 9.59
CA ASP B 74 2.64 31.60 9.32
C ASP B 74 3.24 32.14 10.60
N GLU B 75 2.41 32.31 11.63
CA GLU B 75 2.92 32.79 12.92
C GLU B 75 3.84 31.76 13.56
N HIS B 76 3.47 30.49 13.49
CA HIS B 76 4.29 29.41 14.00
C HIS B 76 5.67 29.42 13.35
N LEU B 77 5.72 29.55 12.03
CA LEU B 77 7.01 29.58 11.34
C LEU B 77 7.80 30.82 11.73
N ARG B 78 7.12 31.94 11.97
CA ARG B 78 7.82 33.16 12.37
C ARG B 78 8.48 33.00 13.74
N ILE B 79 7.79 32.34 14.68
CA ILE B 79 8.38 32.06 15.98
C ILE B 79 9.63 31.20 15.82
N LEU B 80 9.54 30.14 15.01
CA LEU B 80 10.69 29.26 14.82
C LEU B 80 11.89 30.04 14.27
N LYS B 81 11.66 30.91 13.30
CA LYS B 81 12.76 31.69 12.74
C LYS B 81 13.32 32.66 13.76
N LYS B 82 12.46 33.27 14.57
CA LYS B 82 12.94 34.22 15.57
C LYS B 82 13.80 33.54 16.63
N ALA B 83 13.42 32.33 17.02
CA ALA B 83 14.24 31.54 17.95
C ALA B 83 15.61 31.23 17.35
N ALA B 84 15.65 30.83 16.08
CA ALA B 84 16.92 30.56 15.43
C ALA B 84 17.81 31.80 15.40
N ALA B 85 17.23 32.94 15.03
CA ALA B 85 18.00 34.19 14.95
C ALA B 85 18.52 34.61 16.32
N ALA B 86 17.81 34.25 17.39
CA ALA B 86 18.34 34.46 18.74
C ALA B 86 19.44 33.47 19.10
N LYS B 87 19.82 32.59 18.17
CA LYS B 87 20.94 31.65 18.34
C LYS B 87 20.74 30.78 19.59
N VAL B 88 19.52 30.27 19.75
CA VAL B 88 19.25 29.35 20.83
C VAL B 88 19.99 28.04 20.56
N ASP B 89 20.08 27.21 21.60
CA ASP B 89 20.84 25.96 21.51
C ASP B 89 20.03 24.81 20.93
N GLY B 90 18.71 24.93 20.90
CA GLY B 90 17.90 23.83 20.39
C GLY B 90 16.46 24.26 20.25
N ILE B 91 15.76 23.69 19.28
CA ILE B 91 14.38 24.06 19.04
C ILE B 91 13.54 22.78 18.98
N ILE B 92 12.44 22.78 19.72
CA ILE B 92 11.53 21.64 19.80
C ILE B 92 10.19 22.10 19.26
N THR B 93 9.70 21.47 18.19
CA THR B 93 8.47 21.93 17.57
C THR B 93 7.73 20.79 16.85
N GLN B 94 6.43 20.96 16.69
CA GLN B 94 5.69 20.15 15.74
C GLN B 94 6.20 20.40 14.32
N GLY B 95 6.17 19.35 13.50
CA GLY B 95 6.42 19.53 12.09
C GLY B 95 5.09 19.62 11.39
N LEU B 96 4.37 20.72 11.61
CA LEU B 96 2.93 20.75 11.43
C LEU B 96 2.53 20.43 9.99
N THR B 97 3.29 20.92 9.01
CA THR B 97 2.99 20.60 7.62
C THR B 97 4.29 20.34 6.89
N GLU B 98 4.23 19.46 5.90
CA GLU B 98 5.45 19.09 5.18
C GLU B 98 5.93 20.22 4.29
N ALA B 99 4.99 20.85 3.58
CA ALA B 99 5.35 21.87 2.60
C ALA B 99 6.00 23.09 3.26
N GLU B 100 5.41 23.57 4.36
CA GLU B 100 5.91 24.79 4.98
C GLU B 100 6.98 24.54 6.02
N PHE B 101 6.88 23.44 6.80
CA PHE B 101 7.79 23.24 7.93
C PHE B 101 9.11 22.57 7.58
N VAL B 102 9.15 21.72 6.55
CA VAL B 102 10.40 21.04 6.22
C VAL B 102 11.49 22.01 5.77
N PRO B 103 11.25 22.95 4.84
CA PRO B 103 12.31 23.89 4.50
C PRO B 103 12.77 24.72 5.68
N VAL B 104 11.87 25.09 6.60
CA VAL B 104 12.27 25.89 7.76
C VAL B 104 13.11 25.06 8.72
N ILE B 105 12.66 23.83 9.03
CA ILE B 105 13.46 22.94 9.88
C ILE B 105 14.84 22.74 9.30
N ASN B 106 14.94 22.60 7.97
CA ASN B 106 16.23 22.35 7.35
C ASN B 106 17.11 23.60 7.36
N GLU B 107 16.51 24.77 7.13
CA GLU B 107 17.26 26.02 7.20
C GLU B 107 17.82 26.25 8.59
N ILE B 108 17.02 25.96 9.62
CA ILE B 108 17.49 26.06 11.00
C ILE B 108 18.60 25.05 11.25
N THR B 109 18.38 23.81 10.81
CA THR B 109 19.40 22.78 10.97
C THR B 109 20.71 23.18 10.32
N ASP B 110 20.65 23.81 9.14
CA ASP B 110 21.86 24.20 8.43
C ASP B 110 22.62 25.31 9.15
N LYS B 111 21.97 26.00 10.08
CA LYS B 111 22.61 27.02 10.90
C LYS B 111 23.10 26.45 12.24
N ASN B 112 23.31 25.12 12.32
CA ASN B 112 23.90 24.45 13.47
C ASN B 112 23.01 24.53 14.72
N ILE B 113 21.70 24.59 14.52
CA ILE B 113 20.73 24.55 15.61
C ILE B 113 19.91 23.26 15.48
N PRO B 114 20.10 22.29 16.36
CA PRO B 114 19.34 21.04 16.24
C PRO B 114 17.86 21.24 16.48
N VAL B 115 17.06 20.44 15.77
CA VAL B 115 15.60 20.48 15.83
C VAL B 115 15.11 19.10 16.21
N VAL B 116 14.33 19.04 17.29
CA VAL B 116 13.60 17.84 17.70
C VAL B 116 12.13 18.09 17.42
N THR B 117 11.49 17.21 16.65
CA THR B 117 10.05 17.33 16.48
C THR B 117 9.33 16.66 17.64
N ILE B 118 8.15 17.17 17.93
CA ILE B 118 7.36 16.72 19.08
C ILE B 118 5.90 16.72 18.67
N ASP B 119 5.16 15.68 19.09
CA ASP B 119 3.71 15.55 18.93
C ASP B 119 3.31 15.30 17.47
N THR B 120 3.98 15.96 16.54
CA THR B 120 3.69 15.84 15.11
C THR B 120 5.01 15.81 14.38
N ASP B 121 5.31 14.73 13.66
CA ASP B 121 6.62 14.60 13.02
C ASP B 121 6.61 15.19 11.62
N ALA B 122 7.81 15.60 11.17
CA ALA B 122 8.12 15.92 9.78
C ALA B 122 9.24 14.99 9.33
N PRO B 123 8.91 13.74 8.97
CA PRO B 123 9.96 12.71 8.82
C PRO B 123 10.85 12.87 7.61
N THR B 124 10.51 13.74 6.65
CA THR B 124 11.41 14.03 5.53
C THR B 124 12.34 15.20 5.81
N SER B 125 12.25 15.83 6.97
CA SER B 125 13.14 16.92 7.31
C SER B 125 14.41 16.38 7.95
N ARG B 126 15.37 17.27 8.14
CA ARG B 126 16.60 16.92 8.83
C ARG B 126 16.53 17.18 10.33
N ARG B 127 15.32 17.28 10.89
CA ARG B 127 15.18 17.17 12.33
C ARG B 127 15.90 15.91 12.82
N VAL B 128 16.49 16.00 14.01
CA VAL B 128 17.35 14.93 14.50
C VAL B 128 16.53 13.76 15.02
N ALA B 129 15.50 14.05 15.81
CA ALA B 129 14.65 13.02 16.37
C ALA B 129 13.23 13.55 16.53
N TYR B 130 12.28 12.61 16.56
CA TYR B 130 10.87 12.85 16.85
C TYR B 130 10.51 12.15 18.16
N VAL B 131 9.73 12.83 19.00
CA VAL B 131 9.11 12.19 20.16
C VAL B 131 7.62 12.51 20.13
N GLY B 132 6.79 11.51 19.91
CA GLY B 132 5.36 11.74 19.96
C GLY B 132 4.61 10.48 19.59
N THR B 133 3.29 10.64 19.51
CA THR B 133 2.43 9.51 19.14
C THR B 133 2.75 9.11 17.71
N ASP B 134 2.60 7.81 17.43
CA ASP B 134 2.43 7.33 16.06
C ASP B 134 1.01 7.73 15.63
N ASN B 135 0.92 8.85 14.89
CA ASN B 135 -0.38 9.47 14.67
C ASN B 135 -1.26 8.64 13.75
N TYR B 136 -0.67 8.02 12.71
CA TYR B 136 -1.44 7.10 11.88
C TYR B 136 -2.06 5.98 12.72
N TYR B 137 -1.25 5.37 13.59
CA TYR B 137 -1.70 4.19 14.33
C TYR B 137 -2.69 4.56 15.42
N ALA B 138 -2.51 5.73 16.03
CA ALA B 138 -3.51 6.18 16.99
C ALA B 138 -4.89 6.25 16.34
N GLY B 139 -4.97 6.78 15.11
CA GLY B 139 -6.25 6.82 14.44
C GLY B 139 -6.72 5.46 13.99
N PHE B 140 -5.78 4.58 13.64
CA PHE B 140 -6.15 3.22 13.31
C PHE B 140 -6.82 2.53 14.49
N LEU B 141 -6.20 2.65 15.67
CA LEU B 141 -6.82 2.10 16.89
C LEU B 141 -8.19 2.69 17.13
N ALA B 142 -8.38 3.97 16.82
CA ALA B 142 -9.67 4.61 17.03
C ALA B 142 -10.72 4.00 16.13
N GLY B 143 -10.37 3.79 14.86
CA GLY B 143 -11.31 3.15 13.95
C GLY B 143 -11.65 1.74 14.37
N ARG B 144 -10.65 1.00 14.84
CA ARG B 144 -10.89 -0.37 15.28
C ARG B 144 -11.81 -0.40 16.50
N ALA B 145 -11.65 0.57 17.40
CA ALA B 145 -12.51 0.62 18.58
C ALA B 145 -13.94 0.97 18.20
N LEU B 146 -14.11 1.96 17.31
CA LEU B 146 -15.46 2.32 16.89
C LEU B 146 -16.15 1.15 16.22
N ALA B 147 -15.44 0.49 15.29
CA ALA B 147 -15.97 -0.71 14.65
C ALA B 147 -16.39 -1.75 15.69
N GLU B 148 -15.51 -2.01 16.66
CA GLU B 148 -15.84 -3.02 17.68
C GLU B 148 -17.05 -2.60 18.49
N ASP B 149 -17.05 -1.36 18.97
CA ASP B 149 -18.09 -0.90 19.88
C ASP B 149 -19.45 -0.79 19.21
N THR B 150 -19.50 -0.61 17.89
CA THR B 150 -20.76 -0.46 17.17
C THR B 150 -21.12 -1.68 16.35
N LYS B 151 -20.36 -2.77 16.50
CA LYS B 151 -20.60 -3.99 15.72
C LYS B 151 -20.61 -3.71 14.22
N GLY B 152 -19.77 -2.77 13.79
CA GLY B 152 -19.62 -2.48 12.38
C GLY B 152 -20.78 -1.72 11.73
N LYS B 153 -21.66 -1.11 12.53
CA LYS B 153 -22.83 -0.37 12.01
C LYS B 153 -22.88 1.03 12.59
N ALA B 154 -22.61 2.04 11.76
CA ALA B 154 -22.52 3.40 12.27
C ALA B 154 -22.54 4.40 11.12
N THR B 155 -23.14 5.57 11.38
CA THR B 155 -23.15 6.70 10.45
C THR B 155 -22.32 7.81 11.09
N VAL B 156 -21.14 8.07 10.51
CA VAL B 156 -20.03 8.73 11.21
C VAL B 156 -19.83 10.14 10.69
N ALA B 157 -19.61 11.06 11.62
CA ALA B 157 -19.05 12.37 11.32
C ALA B 157 -17.70 12.50 12.00
N ILE B 158 -16.76 13.16 11.34
CA ILE B 158 -15.43 13.41 11.88
C ILE B 158 -15.28 14.90 12.15
N ILE B 159 -14.81 15.24 13.34
CA ILE B 159 -14.34 16.58 13.67
C ILE B 159 -12.83 16.50 13.86
N THR B 160 -12.08 17.26 13.06
CA THR B 160 -10.62 17.22 13.08
C THR B 160 -10.11 18.64 13.28
N GLY B 161 -8.92 18.75 13.89
CA GLY B 161 -8.38 20.07 14.19
C GLY B 161 -8.22 20.94 12.96
N SER B 162 -7.75 20.35 11.86
CA SER B 162 -7.61 21.06 10.60
C SER B 162 -7.31 20.01 9.53
N LEU B 163 -7.56 20.39 8.28
CA LEU B 163 -7.35 19.49 7.16
C LEU B 163 -5.90 19.48 6.66
N THR B 164 -5.08 20.44 7.09
CA THR B 164 -3.72 20.56 6.63
CA THR B 164 -3.72 20.52 6.60
C THR B 164 -2.65 20.08 7.60
N ALA B 165 -2.98 19.95 8.89
CA ALA B 165 -1.98 19.58 9.89
C ALA B 165 -1.67 18.08 9.80
N ALA B 166 -0.37 17.75 9.86
CA ALA B 166 0.04 16.38 9.54
C ALA B 166 -0.52 15.36 10.54
N HIS B 167 -0.52 15.69 11.84
CA HIS B 167 -1.02 14.71 12.79
C HIS B 167 -2.53 14.51 12.66
N GLN B 168 -3.26 15.57 12.33
CA GLN B 168 -4.69 15.42 12.10
C GLN B 168 -4.96 14.58 10.86
N GLN B 169 -4.26 14.87 9.76
CA GLN B 169 -4.42 14.08 8.54
C GLN B 169 -4.11 12.61 8.78
N LEU B 170 -3.07 12.31 9.55
CA LEU B 170 -2.72 10.92 9.79
C LEU B 170 -3.78 10.22 10.65
N ARG B 171 -4.39 10.95 11.59
CA ARG B 171 -5.37 10.33 12.48
C ARG B 171 -6.69 10.08 11.75
N VAL B 172 -7.04 10.93 10.80
CA VAL B 172 -8.20 10.67 9.96
C VAL B 172 -7.96 9.46 9.09
N ARG B 173 -6.80 9.41 8.42
CA ARG B 173 -6.51 8.33 7.49
C ARG B 173 -6.38 6.98 8.19
N GLY B 174 -5.72 6.96 9.36
CA GLY B 174 -5.68 5.73 10.14
C GLY B 174 -7.07 5.23 10.46
N PHE B 175 -7.94 6.11 10.91
CA PHE B 175 -9.32 5.74 11.22
C PHE B 175 -10.03 5.23 9.97
N GLU B 176 -9.91 5.94 8.85
CA GLU B 176 -10.61 5.54 7.63
C GLU B 176 -10.16 4.16 7.15
N ASP B 177 -8.84 3.90 7.21
CA ASP B 177 -8.34 2.60 6.81
C ASP B 177 -8.87 1.48 7.70
N ALA B 178 -8.99 1.73 9.00
CA ALA B 178 -9.40 0.67 9.92
C ALA B 178 -10.88 0.32 9.78
N VAL B 179 -11.70 1.27 9.33
CA VAL B 179 -13.14 1.03 9.16
C VAL B 179 -13.50 0.65 7.74
N ARG B 180 -12.57 0.71 6.78
CA ARG B 180 -12.92 0.48 5.38
CA ARG B 180 -12.91 0.48 5.38
C ARG B 180 -13.51 -0.90 5.16
N GLN B 181 -12.99 -1.93 5.83
CA GLN B 181 -13.56 -3.26 5.61
C GLN B 181 -14.95 -3.42 6.23
N GLU B 182 -15.45 -2.42 6.97
CA GLU B 182 -16.75 -2.52 7.61
C GLU B 182 -17.76 -1.79 6.72
N LYS B 183 -18.50 -2.58 5.92
CA LYS B 183 -19.45 -1.97 5.00
C LYS B 183 -20.60 -1.28 5.71
N GLY B 184 -20.89 -1.65 6.96
CA GLY B 184 -21.94 -1.00 7.72
C GLY B 184 -21.54 0.33 8.37
N ILE B 185 -20.34 0.81 8.11
CA ILE B 185 -19.84 2.09 8.61
C ILE B 185 -19.66 3.01 7.42
N ARG B 186 -20.30 4.18 7.48
CA ARG B 186 -20.14 5.20 6.44
C ARG B 186 -19.83 6.54 7.09
N ILE B 187 -18.83 7.22 6.56
CA ILE B 187 -18.46 8.55 7.03
C ILE B 187 -19.14 9.55 6.10
N VAL B 188 -20.01 10.39 6.67
CA VAL B 188 -20.85 11.27 5.88
C VAL B 188 -20.49 12.75 6.05
N ALA B 189 -19.54 13.09 6.92
CA ALA B 189 -19.17 14.49 7.11
C ALA B 189 -17.80 14.58 7.79
N ILE B 190 -17.00 15.56 7.39
CA ILE B 190 -15.72 15.85 8.02
C ILE B 190 -15.59 17.37 8.09
N GLU B 191 -15.39 17.91 9.30
CA GLU B 191 -15.29 19.35 9.50
C GLU B 191 -14.13 19.67 10.45
N GLU B 192 -13.63 20.91 10.33
CA GLU B 192 -12.51 21.41 11.11
C GLU B 192 -12.98 22.20 12.33
N SER B 193 -12.29 22.01 13.46
CA SER B 193 -12.55 22.76 14.68
C SER B 193 -11.53 23.87 14.96
N HIS B 194 -10.42 23.91 14.23
CA HIS B 194 -9.30 24.81 14.57
C HIS B 194 -8.96 24.74 16.06
N ILE B 195 -9.03 23.50 16.59
CA ILE B 195 -8.73 23.09 17.97
C ILE B 195 -9.31 23.99 19.06
N THR B 196 -10.54 24.48 18.89
CA THR B 196 -11.27 25.09 20.00
C THR B 196 -12.52 24.28 20.32
N ARG B 197 -12.96 24.37 21.58
CA ARG B 197 -14.25 23.78 21.96
C ARG B 197 -15.39 24.42 21.20
N VAL B 198 -15.37 25.74 21.06
CA VAL B 198 -16.52 26.45 20.49
C VAL B 198 -16.72 26.07 19.04
N GLN B 199 -15.65 26.00 18.24
CA GLN B 199 -15.85 25.65 16.84
C GLN B 199 -16.15 24.16 16.68
N ALA B 200 -15.59 23.31 17.54
CA ALA B 200 -15.99 21.90 17.52
C ALA B 200 -17.51 21.77 17.71
N ALA B 201 -18.06 22.49 18.69
CA ALA B 201 -19.50 22.45 18.96
C ALA B 201 -20.30 23.03 17.80
N GLU B 202 -19.86 24.17 17.27
CA GLU B 202 -20.57 24.78 16.15
C GLU B 202 -20.59 23.83 14.95
N LYS B 203 -19.46 23.18 14.66
CA LYS B 203 -19.45 22.24 13.56
C LYS B 203 -20.31 21.03 13.84
N ALA B 204 -20.30 20.52 15.08
CA ALA B 204 -21.16 19.38 15.41
C ALA B 204 -22.63 19.73 15.21
N TYR B 205 -23.03 20.91 15.65
CA TYR B 205 -24.40 21.37 15.47
C TYR B 205 -24.78 21.41 14.00
N THR B 206 -23.96 22.06 13.17
CA THR B 206 -24.24 22.14 11.74
C THR B 206 -24.32 20.76 11.11
N ILE B 207 -23.36 19.87 11.44
CA ILE B 207 -23.41 18.51 10.89
C ILE B 207 -24.74 17.85 11.24
N LEU B 208 -25.16 17.95 12.49
CA LEU B 208 -26.36 17.23 12.89
C LEU B 208 -27.59 17.74 12.15
N LYS B 209 -27.61 19.03 11.77
CA LYS B 209 -28.75 19.58 11.05
C LYS B 209 -28.76 19.13 9.59
N LYS B 210 -27.59 19.10 8.93
CA LYS B 210 -27.55 18.64 7.54
C LYS B 210 -27.66 17.12 7.44
N HIS B 211 -27.23 16.37 8.47
CA HIS B 211 -27.21 14.90 8.44
C HIS B 211 -27.82 14.36 9.73
N PRO B 212 -29.15 14.43 9.87
CA PRO B 212 -29.80 13.88 11.07
C PRO B 212 -29.54 12.40 11.29
N ASP B 213 -29.06 11.69 10.27
CA ASP B 213 -28.74 10.27 10.40
C ASP B 213 -27.41 10.00 11.11
N VAL B 214 -26.59 11.02 11.38
CA VAL B 214 -25.32 10.76 12.07
C VAL B 214 -25.61 10.22 13.46
N ASN B 215 -25.00 9.09 13.80
CA ASN B 215 -25.16 8.50 15.12
C ASN B 215 -23.81 8.21 15.78
N ALA B 216 -22.71 8.70 15.20
CA ALA B 216 -21.38 8.50 15.76
C ALA B 216 -20.47 9.65 15.34
N PHE B 217 -19.63 10.12 16.27
CA PHE B 217 -18.63 11.14 16.00
C PHE B 217 -17.24 10.62 16.38
N TYR B 218 -16.24 11.00 15.58
CA TYR B 218 -14.84 10.78 15.87
C TYR B 218 -14.12 12.12 15.90
N GLY B 219 -13.57 12.48 17.06
CA GLY B 219 -12.79 13.71 17.19
C GLY B 219 -11.31 13.39 17.27
N THR B 220 -10.51 14.15 16.51
CA THR B 220 -9.10 13.78 16.32
C THR B 220 -8.13 14.69 17.05
N SER B 221 -8.61 15.69 17.79
CA SER B 221 -7.76 16.51 18.64
C SER B 221 -8.43 16.66 20.00
N ALA B 222 -7.69 17.24 20.94
CA ALA B 222 -7.96 17.10 22.37
C ALA B 222 -9.28 17.69 22.82
N LEU B 223 -9.82 18.69 22.10
CA LEU B 223 -11.05 19.35 22.52
C LEU B 223 -12.25 19.01 21.64
N ASP B 224 -12.06 18.20 20.60
CA ASP B 224 -13.13 17.96 19.63
C ASP B 224 -14.30 17.22 20.26
N ALA B 225 -14.02 16.12 20.95
CA ALA B 225 -15.12 15.33 21.51
C ALA B 225 -15.83 16.10 22.61
N ILE B 226 -15.12 16.99 23.30
CA ILE B 226 -15.76 17.83 24.30
C ILE B 226 -16.81 18.73 23.64
N GLY B 227 -16.47 19.33 22.50
CA GLY B 227 -17.44 20.15 21.80
C GLY B 227 -18.64 19.37 21.32
N VAL B 228 -18.40 18.18 20.75
CA VAL B 228 -19.49 17.33 20.28
C VAL B 228 -20.41 16.96 21.43
N ALA B 229 -19.82 16.49 22.53
CA ALA B 229 -20.59 16.00 23.67
C ALA B 229 -21.53 17.07 24.19
N LYS B 230 -21.09 18.32 24.20
CA LYS B 230 -21.97 19.41 24.61
C LYS B 230 -23.17 19.53 23.67
N VAL B 231 -22.94 19.41 22.36
CA VAL B 231 -24.05 19.48 21.41
C VAL B 231 -24.95 18.27 21.55
N VAL B 232 -24.38 17.07 21.70
CA VAL B 232 -25.21 15.87 21.78
C VAL B 232 -26.13 15.92 23.00
N GLU B 233 -25.59 16.33 24.16
CA GLU B 233 -26.43 16.43 25.35
C GLU B 233 -27.55 17.44 25.16
N GLN B 234 -27.29 18.51 24.40
CA GLN B 234 -28.31 19.51 24.15
C GLN B 234 -29.46 18.95 23.34
N PHE B 235 -29.17 18.07 22.37
CA PHE B 235 -30.24 17.47 21.59
C PHE B 235 -31.07 16.52 22.44
N HIS B 236 -30.43 15.78 23.35
CA HIS B 236 -31.11 14.78 24.15
C HIS B 236 -32.06 13.93 23.30
N ARG B 237 -31.51 13.18 22.35
CA ARG B 237 -32.26 12.25 21.53
C ARG B 237 -32.31 10.87 22.18
N GLU B 238 -33.27 10.05 21.75
CA GLU B 238 -33.47 8.77 22.45
C GLU B 238 -32.26 7.85 22.30
N GLN B 239 -31.76 7.67 21.08
CA GLN B 239 -30.61 6.79 20.91
C GLN B 239 -29.32 7.57 21.16
N LYS B 240 -28.42 6.96 21.93
CA LYS B 240 -27.20 7.64 22.35
C LYS B 240 -26.20 7.68 21.20
N THR B 241 -25.72 8.89 20.91
CA THR B 241 -24.67 9.09 19.93
C THR B 241 -23.37 8.50 20.45
N TYR B 242 -22.70 7.71 19.62
CA TYR B 242 -21.37 7.19 19.97
C TYR B 242 -20.32 8.26 19.69
N ILE B 243 -19.53 8.62 20.70
CA ILE B 243 -18.44 9.59 20.53
C ILE B 243 -17.13 8.92 20.94
N ILE B 244 -16.16 8.89 20.04
CA ILE B 244 -14.78 8.55 20.39
C ILE B 244 -13.90 9.75 20.05
N GLY B 245 -13.10 10.18 21.01
CA GLY B 245 -12.24 11.34 20.81
C GLY B 245 -10.77 11.12 21.09
N PHE B 246 -10.04 12.20 21.32
CA PHE B 246 -8.63 12.15 21.58
C PHE B 246 -8.29 12.78 22.93
N ASP B 247 -7.28 12.21 23.58
CA ASP B 247 -6.65 12.70 24.79
C ASP B 247 -7.55 12.55 26.00
N THR B 248 -7.03 12.94 27.16
CA THR B 248 -7.62 12.65 28.45
C THR B 248 -7.67 13.88 29.32
N LEU B 249 -8.02 15.04 28.73
CA LEU B 249 -8.25 16.22 29.54
C LEU B 249 -9.42 15.97 30.49
N PRO B 250 -9.45 16.68 31.62
CA PRO B 250 -10.52 16.45 32.62
C PRO B 250 -11.93 16.40 32.06
N GLU B 251 -12.31 17.33 31.16
CA GLU B 251 -13.67 17.33 30.61
C GLU B 251 -13.96 16.04 29.85
N THR B 252 -12.98 15.55 29.08
CA THR B 252 -13.14 14.28 28.37
C THR B 252 -13.38 13.13 29.34
N ILE B 253 -12.68 13.14 30.47
CA ILE B 253 -12.81 12.04 31.42
C ILE B 253 -14.15 12.12 32.13
N ARG B 254 -14.62 13.34 32.43
CA ARG B 254 -15.95 13.50 32.99
C ARG B 254 -17.02 12.95 32.06
N TYR B 255 -16.92 13.26 30.76
CA TYR B 255 -17.94 12.78 29.83
C TYR B 255 -17.85 11.27 29.66
N LEU B 256 -16.63 10.71 29.69
CA LEU B 256 -16.47 9.26 29.72
C LEU B 256 -17.16 8.66 30.94
N GLN B 257 -16.95 9.26 32.11
CA GLN B 257 -17.55 8.75 33.35
C GLN B 257 -19.07 8.80 33.29
N LYS B 258 -19.64 9.92 32.82
CA LYS B 258 -21.09 10.05 32.73
C LYS B 258 -21.70 9.20 31.63
N GLY B 259 -20.93 8.85 30.59
CA GLY B 259 -21.43 8.04 29.50
C GLY B 259 -21.73 8.78 28.21
N THR B 260 -21.48 10.09 28.18
CA THR B 260 -21.72 10.87 26.96
C THR B 260 -20.69 10.57 25.88
N ILE B 261 -19.41 10.43 26.28
CA ILE B 261 -18.34 9.99 25.40
C ILE B 261 -18.08 8.52 25.69
N ALA B 262 -17.90 7.71 24.64
CA ALA B 262 -17.73 6.28 24.81
C ALA B 262 -16.27 5.83 24.88
N ALA B 263 -15.36 6.56 24.25
CA ALA B 263 -13.97 6.12 24.24
C ALA B 263 -13.12 7.33 23.93
N THR B 264 -11.82 7.20 24.19
CA THR B 264 -10.88 8.27 23.84
C THR B 264 -9.50 7.67 23.64
N VAL B 265 -8.74 8.27 22.75
CA VAL B 265 -7.39 7.79 22.42
C VAL B 265 -6.39 8.48 23.36
N VAL B 266 -5.63 7.68 24.11
CA VAL B 266 -4.67 8.22 25.06
C VAL B 266 -3.42 8.67 24.33
N GLN B 267 -2.85 9.79 24.77
CA GLN B 267 -1.49 10.21 24.41
C GLN B 267 -0.73 10.46 25.69
N GLU B 268 0.57 10.74 25.57
CA GLU B 268 1.42 11.02 26.73
C GLU B 268 2.09 12.38 26.55
N PRO B 269 1.34 13.48 26.67
CA PRO B 269 1.94 14.80 26.43
C PRO B 269 3.05 15.17 27.40
N TYR B 270 2.88 14.90 28.70
CA TYR B 270 3.94 15.21 29.65
C TYR B 270 5.21 14.47 29.27
N GLU B 271 5.08 13.18 28.94
CA GLU B 271 6.24 12.35 28.65
C GLU B 271 6.94 12.81 27.37
N MET B 272 6.18 13.30 26.38
CA MET B 272 6.86 13.66 25.13
C MET B 272 7.60 14.99 25.29
N GLY B 273 7.09 15.91 26.12
CA GLY B 273 7.85 17.11 26.42
C GLY B 273 9.07 16.82 27.27
N TYR B 274 8.91 15.97 28.29
CA TYR B 274 10.02 15.55 29.13
C TYR B 274 11.11 14.86 28.29
N LYS B 275 10.72 13.90 27.46
CA LYS B 275 11.72 13.16 26.70
C LYS B 275 12.36 14.01 25.61
N ALA B 276 11.60 14.90 24.99
CA ALA B 276 12.19 15.77 23.97
C ALA B 276 13.31 16.60 24.56
N VAL B 277 13.13 17.09 25.79
CA VAL B 277 14.17 17.90 26.43
C VAL B 277 15.39 17.05 26.77
N LYS B 278 15.17 15.87 27.36
CA LYS B 278 16.28 14.97 27.63
C LYS B 278 17.07 14.67 26.35
N MET B 279 16.35 14.37 25.27
CA MET B 279 17.03 14.03 24.02
C MET B 279 17.80 15.22 23.46
N MET B 280 17.22 16.42 23.52
CA MET B 280 17.93 17.60 23.03
C MET B 280 19.25 17.79 23.77
N ALA B 281 19.25 17.56 25.09
CA ALA B 281 20.49 17.65 25.85
C ALA B 281 21.51 16.61 25.38
N GLU B 282 21.05 15.39 25.05
CA GLU B 282 21.99 14.40 24.53
C GLU B 282 22.56 14.85 23.20
N ILE B 283 21.72 15.45 22.35
CA ILE B 283 22.14 15.90 21.04
C ILE B 283 23.22 16.99 21.14
N VAL B 284 22.98 18.00 21.99
CA VAL B 284 23.97 19.07 22.07
C VAL B 284 25.27 18.58 22.70
N ALA B 285 25.23 17.46 23.42
CA ALA B 285 26.44 16.82 23.91
C ALA B 285 27.13 15.96 22.85
N GLY B 286 26.56 15.84 21.65
CA GLY B 286 27.19 15.02 20.62
C GLY B 286 26.87 13.53 20.71
N LYS B 287 25.85 13.14 21.46
CA LYS B 287 25.47 11.76 21.67
C LYS B 287 24.30 11.35 20.74
N ASP B 288 24.25 10.07 20.42
CA ASP B 288 23.22 9.56 19.54
C ASP B 288 21.90 9.41 20.30
N VAL B 289 20.80 9.63 19.59
CA VAL B 289 19.46 9.35 20.10
C VAL B 289 18.68 8.60 19.03
N PRO B 290 17.66 7.81 19.39
CA PRO B 290 16.82 7.18 18.37
C PRO B 290 16.15 8.21 17.47
N VAL B 291 15.99 7.88 16.19
CA VAL B 291 15.35 8.82 15.28
C VAL B 291 13.89 9.03 15.66
N VAL B 292 13.18 7.97 16.06
CA VAL B 292 11.77 8.05 16.42
C VAL B 292 11.54 7.38 17.77
N THR B 293 10.93 8.10 18.70
CA THR B 293 10.44 7.55 19.95
C THR B 293 8.94 7.79 19.94
N ASN B 294 8.15 6.72 19.77
CA ASN B 294 6.69 6.83 19.79
C ASN B 294 6.22 6.58 21.22
N THR B 295 5.66 7.61 21.84
CA THR B 295 5.07 7.43 23.15
C THR B 295 3.76 6.64 23.03
N GLU B 296 3.25 6.20 24.17
CA GLU B 296 2.20 5.19 24.18
C GLU B 296 0.87 5.77 23.70
N THR B 297 0.13 4.96 22.94
CA THR B 297 -1.23 5.32 22.56
C THR B 297 -2.09 4.06 22.57
N LYS B 298 -3.33 4.22 23.02
CA LYS B 298 -4.29 3.13 23.15
C LYS B 298 -5.67 3.75 23.34
N VAL B 299 -6.70 2.96 23.03
CA VAL B 299 -8.06 3.42 23.23
C VAL B 299 -8.52 2.98 24.62
N ILE B 300 -9.06 3.92 25.40
CA ILE B 300 -9.63 3.60 26.70
C ILE B 300 -11.11 3.91 26.69
N ARG B 301 -11.85 3.20 27.53
CA ARG B 301 -13.28 3.39 27.75
C ARG B 301 -13.51 3.55 29.24
N LYS B 302 -14.79 3.68 29.62
CA LYS B 302 -15.13 3.93 31.02
C LYS B 302 -14.65 2.82 31.95
N LYS B 303 -14.48 1.62 31.47
CA LYS B 303 -14.04 0.60 32.39
C LYS B 303 -12.63 0.79 32.92
N ASP B 304 -11.90 1.77 32.41
CA ASP B 304 -10.51 2.00 32.77
C ASP B 304 -10.35 3.16 33.73
N LEU B 305 -11.43 3.61 34.35
CA LEU B 305 -11.39 4.72 35.27
C LEU B 305 -11.60 4.23 36.71
N PRO B 306 -10.81 4.74 37.68
CA PRO B 306 -9.75 5.76 37.66
C PRO B 306 -8.52 5.43 36.80
N LEU B 307 -7.69 6.43 36.57
CA LEU B 307 -6.59 6.33 35.61
C LEU B 307 -5.22 6.20 36.29
N GLU C 25 -19.72 -33.96 21.15
CA GLU C 25 -18.66 -34.44 20.27
C GLU C 25 -19.18 -35.47 19.26
N THR C 26 -19.21 -36.73 19.68
CA THR C 26 -19.90 -37.78 18.94
C THR C 26 -21.43 -37.71 19.12
N THR C 27 -21.95 -36.56 19.59
CA THR C 27 -23.37 -36.24 19.50
C THR C 27 -23.59 -35.32 18.30
N LYS C 28 -24.50 -35.74 17.42
CA LYS C 28 -24.75 -35.01 16.18
C LYS C 28 -25.18 -33.58 16.47
N GLU C 29 -25.86 -33.37 17.59
CA GLU C 29 -26.65 -32.17 17.82
C GLU C 29 -25.87 -30.98 18.36
N ALA C 30 -24.75 -31.19 19.02
CA ALA C 30 -23.97 -30.05 19.48
C ALA C 30 -23.35 -29.34 18.29
N TYR C 31 -22.97 -28.09 18.49
CA TYR C 31 -22.24 -27.38 17.44
C TYR C 31 -20.82 -27.93 17.36
N HIS C 32 -20.35 -28.18 16.15
CA HIS C 32 -19.01 -28.68 15.92
C HIS C 32 -18.18 -27.58 15.28
N PHE C 33 -17.23 -27.03 16.04
CA PHE C 33 -16.27 -26.05 15.54
C PHE C 33 -14.89 -26.69 15.45
N VAL C 34 -14.17 -26.45 14.37
CA VAL C 34 -12.83 -27.01 14.19
C VAL C 34 -11.83 -25.86 14.30
N LEU C 35 -10.85 -26.00 15.19
CA LEU C 35 -9.72 -25.10 15.28
C LEU C 35 -8.50 -25.78 14.66
N VAL C 36 -7.91 -25.16 13.63
CA VAL C 36 -6.75 -25.74 12.97
C VAL C 36 -5.51 -24.94 13.38
N PRO C 37 -4.59 -25.51 14.16
CA PRO C 37 -3.32 -24.85 14.44
C PRO C 37 -2.35 -24.92 13.28
N GLU C 38 -1.32 -24.07 13.36
CA GLU C 38 -0.21 -24.16 12.42
C GLU C 38 0.52 -25.48 12.58
N GLU C 39 0.63 -25.96 13.81
CA GLU C 39 1.31 -27.20 14.13
C GLU C 39 0.73 -27.71 15.44
N LEU C 40 0.36 -28.99 15.45
CA LEU C 40 -0.48 -29.52 16.52
C LEU C 40 0.08 -29.23 17.90
N ASP C 41 1.35 -29.58 18.13
CA ASP C 41 1.93 -29.53 19.47
C ASP C 41 2.87 -28.35 19.66
N ASN C 42 2.77 -27.32 18.83
CA ASN C 42 3.52 -26.10 19.07
C ASN C 42 3.01 -25.41 20.33
N ASP C 43 3.93 -25.01 21.21
CA ASP C 43 3.53 -24.54 22.54
C ASP C 43 2.62 -23.32 22.47
N TYR C 44 2.90 -22.39 21.56
CA TYR C 44 2.00 -21.26 21.38
C TYR C 44 0.61 -21.72 20.94
N TRP C 45 0.54 -22.70 20.04
CA TRP C 45 -0.78 -23.09 19.54
C TRP C 45 -1.56 -23.88 20.59
N ARG C 46 -0.86 -24.57 21.50
CA ARG C 46 -1.56 -25.19 22.62
C ARG C 46 -2.18 -24.15 23.55
N LEU C 47 -1.56 -22.96 23.66
CA LEU C 47 -2.15 -21.88 24.43
C LEU C 47 -3.43 -21.37 23.77
N VAL C 48 -3.39 -21.18 22.45
CA VAL C 48 -4.60 -20.82 21.71
C VAL C 48 -5.69 -21.85 21.97
N GLU C 49 -5.32 -23.14 22.04
CA GLU C 49 -6.30 -24.21 22.24
C GLU C 49 -6.95 -24.13 23.61
N LYS C 50 -6.16 -23.85 24.67
CA LYS C 50 -6.73 -23.66 25.99
C LYS C 50 -7.84 -22.61 25.97
N GLY C 51 -7.59 -21.48 25.31
CA GLY C 51 -8.60 -20.45 25.21
C GLY C 51 -9.82 -20.91 24.45
N ALA C 52 -9.60 -21.55 23.29
CA ALA C 52 -10.71 -22.04 22.49
C ALA C 52 -11.52 -23.09 23.26
N LYS C 53 -10.82 -24.00 23.94
CA LYS C 53 -11.49 -25.06 24.69
C LYS C 53 -12.27 -24.51 25.86
N ALA C 54 -11.73 -23.48 26.54
CA ALA C 54 -12.45 -22.87 27.65
C ALA C 54 -13.73 -22.20 27.19
N ALA C 55 -13.68 -21.49 26.06
CA ALA C 55 -14.88 -20.83 25.54
C ALA C 55 -15.93 -21.87 25.12
N ALA C 56 -15.48 -22.96 24.51
CA ALA C 56 -16.39 -24.00 24.05
C ALA C 56 -17.11 -24.66 25.22
N LYS C 57 -16.36 -24.98 26.28
CA LYS C 57 -16.98 -25.51 27.50
C LYS C 57 -18.08 -24.58 28.01
N GLU C 58 -17.82 -23.27 27.98
CA GLU C 58 -18.80 -22.28 28.44
C GLU C 58 -20.04 -22.24 27.56
N LEU C 59 -19.87 -22.36 26.25
CA LEU C 59 -20.97 -22.33 25.31
C LEU C 59 -21.58 -23.71 25.08
N GLY C 60 -20.98 -24.77 25.60
CA GLY C 60 -21.46 -26.11 25.37
C GLY C 60 -21.31 -26.61 23.94
N VAL C 61 -20.34 -26.08 23.20
CA VAL C 61 -20.11 -26.52 21.83
C VAL C 61 -18.93 -27.49 21.82
N ASP C 62 -18.87 -28.31 20.76
CA ASP C 62 -17.78 -29.25 20.56
C ASP C 62 -16.66 -28.54 19.79
N LEU C 63 -15.49 -28.41 20.42
CA LEU C 63 -14.33 -27.79 19.79
C LEU C 63 -13.34 -28.90 19.47
N GLU C 64 -13.10 -29.13 18.19
CA GLU C 64 -12.13 -30.14 17.77
CA GLU C 64 -12.15 -30.14 17.73
C GLU C 64 -10.85 -29.45 17.33
N TYR C 65 -9.75 -29.83 17.95
CA TYR C 65 -8.43 -29.29 17.64
C TYR C 65 -7.75 -30.24 16.66
N ILE C 66 -7.67 -29.85 15.39
CA ILE C 66 -7.19 -30.73 14.33
C ILE C 66 -6.14 -29.98 13.53
N GLY C 67 -4.92 -30.50 13.47
CA GLY C 67 -3.90 -29.84 12.70
C GLY C 67 -2.72 -30.69 12.28
N PRO C 68 -1.82 -30.09 11.49
CA PRO C 68 -0.65 -30.83 11.02
C PRO C 68 0.27 -31.18 12.19
N ARG C 69 0.83 -32.38 12.13
CA ARG C 69 1.83 -32.77 13.11
C ARG C 69 3.09 -31.92 12.99
N GLN C 70 3.39 -31.50 11.80
CA GLN C 70 4.53 -30.62 11.52
C GLN C 70 4.03 -29.53 10.56
N ALA C 71 4.42 -28.30 10.75
CA ALA C 71 3.85 -27.21 9.96
C ALA C 71 4.11 -27.44 8.48
N ASN C 72 3.07 -27.22 7.67
CA ASN C 72 3.08 -27.64 6.27
C ASN C 72 1.82 -27.14 5.57
N ILE C 73 2.00 -26.33 4.52
CA ILE C 73 0.87 -25.65 3.89
C ILE C 73 -0.10 -26.66 3.27
N ASP C 74 0.40 -27.61 2.49
CA ASP C 74 -0.48 -28.55 1.81
C ASP C 74 -1.27 -29.38 2.81
N GLU C 75 -0.63 -29.79 3.90
CA GLU C 75 -1.32 -30.56 4.93
C GLU C 75 -2.38 -29.71 5.65
N HIS C 76 -2.03 -28.46 5.93
CA HIS C 76 -2.96 -27.51 6.53
C HIS C 76 -4.21 -27.35 5.67
N LEU C 77 -4.02 -27.22 4.35
CA LEU C 77 -5.16 -27.07 3.45
C LEU C 77 -5.94 -28.37 3.34
N ARG C 78 -5.26 -29.52 3.31
CA ARG C 78 -6.00 -30.78 3.24
C ARG C 78 -6.90 -30.94 4.45
N ILE C 79 -6.42 -30.53 5.62
CA ILE C 79 -7.22 -30.64 6.84
C ILE C 79 -8.42 -29.71 6.78
N LEU C 80 -8.24 -28.51 6.24
CA LEU C 80 -9.38 -27.59 6.12
C LEU C 80 -10.47 -28.19 5.24
N LYS C 81 -10.08 -28.72 4.08
CA LYS C 81 -11.07 -29.31 3.18
C LYS C 81 -11.75 -30.51 3.80
N LYS C 82 -10.99 -31.32 4.55
CA LYS C 82 -11.58 -32.49 5.18
C LYS C 82 -12.62 -32.09 6.23
N ALA C 83 -12.29 -31.09 7.05
CA ALA C 83 -13.28 -30.59 8.01
C ALA C 83 -14.53 -30.06 7.30
N ALA C 84 -14.36 -29.34 6.20
CA ALA C 84 -15.53 -28.80 5.51
C ALA C 84 -16.38 -29.92 4.91
N ALA C 85 -15.74 -30.98 4.43
CA ALA C 85 -16.46 -32.13 3.88
C ALA C 85 -17.20 -32.91 4.96
N ALA C 86 -16.76 -32.80 6.21
CA ALA C 86 -17.49 -33.39 7.34
C ALA C 86 -18.63 -32.52 7.82
N LYS C 87 -18.86 -31.38 7.16
CA LYS C 87 -20.00 -30.50 7.43
C LYS C 87 -20.04 -30.03 8.88
N VAL C 88 -18.88 -29.60 9.37
CA VAL C 88 -18.78 -28.97 10.69
C VAL C 88 -19.52 -27.65 10.61
N ASP C 89 -19.78 -27.04 11.77
CA ASP C 89 -20.57 -25.82 11.86
C ASP C 89 -19.73 -24.55 11.71
N GLY C 90 -18.41 -24.65 11.79
CA GLY C 90 -17.58 -23.47 11.70
C GLY C 90 -16.13 -23.87 11.75
N ILE C 91 -15.26 -23.14 11.07
CA ILE C 91 -13.85 -23.45 10.99
C ILE C 91 -13.06 -22.21 11.37
N ILE C 92 -12.04 -22.40 12.20
CA ILE C 92 -11.18 -21.33 12.72
C ILE C 92 -9.76 -21.69 12.35
N THR C 93 -9.09 -20.82 11.59
CA THR C 93 -7.78 -21.16 11.03
C THR C 93 -7.01 -19.89 10.73
N GLN C 94 -5.69 -20.01 10.70
CA GLN C 94 -4.87 -18.96 10.11
C GLN C 94 -5.19 -18.86 8.63
N GLY C 95 -5.24 -17.63 8.11
CA GLY C 95 -5.13 -17.44 6.68
C GLY C 95 -3.66 -17.37 6.33
N LEU C 96 -3.01 -18.54 6.26
CA LEU C 96 -1.55 -18.58 6.42
C LEU C 96 -0.84 -18.01 5.19
N THR C 97 -1.39 -18.19 3.99
CA THR C 97 -0.91 -17.47 2.82
C THR C 97 -2.08 -16.84 2.10
N GLU C 98 -1.74 -15.94 1.17
CA GLU C 98 -2.78 -15.32 0.35
CA GLU C 98 -2.74 -15.29 0.32
C GLU C 98 -3.18 -16.22 -0.81
N ALA C 99 -2.20 -16.65 -1.63
CA ALA C 99 -2.51 -17.35 -2.86
C ALA C 99 -3.22 -18.68 -2.61
N GLU C 100 -2.92 -19.35 -1.50
CA GLU C 100 -3.47 -20.68 -1.27
C GLU C 100 -4.67 -20.69 -0.32
N PHE C 101 -4.67 -19.83 0.71
CA PHE C 101 -5.76 -19.92 1.68
C PHE C 101 -7.00 -19.15 1.25
N VAL C 102 -6.86 -18.06 0.49
CA VAL C 102 -8.03 -17.30 0.04
C VAL C 102 -8.97 -18.22 -0.76
N PRO C 103 -8.52 -18.91 -1.81
CA PRO C 103 -9.47 -19.76 -2.57
C PRO C 103 -10.14 -20.83 -1.72
N VAL C 104 -9.41 -21.41 -0.77
CA VAL C 104 -9.98 -22.46 0.08
C VAL C 104 -10.96 -21.87 1.08
N ILE C 105 -10.62 -20.73 1.69
CA ILE C 105 -11.55 -20.07 2.60
C ILE C 105 -12.83 -19.71 1.88
N ASN C 106 -12.72 -19.21 0.64
CA ASN C 106 -13.92 -18.79 -0.09
C ASN C 106 -14.79 -19.99 -0.43
N GLU C 107 -14.16 -21.08 -0.86
CA GLU C 107 -14.91 -22.25 -1.29
C GLU C 107 -15.64 -22.89 -0.12
N ILE C 108 -15.02 -22.89 1.05
CA ILE C 108 -15.67 -23.36 2.28
C ILE C 108 -16.83 -22.45 2.64
N THR C 109 -16.60 -21.13 2.60
CA THR C 109 -17.68 -20.17 2.87
C THR C 109 -18.85 -20.36 1.93
N ASP C 110 -18.56 -20.71 0.67
CA ASP C 110 -19.64 -20.96 -0.29
C ASP C 110 -20.54 -22.11 0.17
N LYS C 111 -19.95 -23.12 0.80
CA LYS C 111 -20.70 -24.25 1.33
C LYS C 111 -21.41 -23.93 2.65
N ASN C 112 -21.61 -22.65 2.97
CA ASN C 112 -22.34 -22.21 4.17
C ASN C 112 -21.64 -22.61 5.45
N ILE C 113 -20.32 -22.75 5.43
CA ILE C 113 -19.55 -22.95 6.66
C ILE C 113 -18.77 -21.67 6.93
N PRO C 114 -19.06 -20.96 8.03
CA PRO C 114 -18.34 -19.71 8.29
C PRO C 114 -16.92 -19.98 8.75
N VAL C 115 -16.01 -19.10 8.33
CA VAL C 115 -14.60 -19.18 8.64
C VAL C 115 -14.25 -17.93 9.43
N VAL C 116 -13.63 -18.13 10.61
CA VAL C 116 -12.99 -17.06 11.36
C VAL C 116 -11.50 -17.29 11.25
N THR C 117 -10.76 -16.25 10.90
CA THR C 117 -9.32 -16.37 10.91
C THR C 117 -8.78 -15.95 12.27
N ILE C 118 -7.64 -16.54 12.62
CA ILE C 118 -7.06 -16.41 13.95
C ILE C 118 -5.56 -16.36 13.79
N ASP C 119 -4.90 -15.42 14.50
CA ASP C 119 -3.44 -15.31 14.59
C ASP C 119 -2.83 -14.70 13.33
N THR C 120 -3.34 -15.07 12.16
CA THR C 120 -2.85 -14.64 10.87
C THR C 120 -4.06 -14.44 9.99
N ASP C 121 -4.19 -13.27 9.35
CA ASP C 121 -5.41 -12.97 8.61
C ASP C 121 -5.23 -13.25 7.12
N ALA C 122 -6.35 -13.54 6.45
CA ALA C 122 -6.48 -13.48 4.99
C ALA C 122 -7.54 -12.42 4.68
N PRO C 123 -7.17 -11.13 4.72
CA PRO C 123 -8.22 -10.08 4.71
C PRO C 123 -8.91 -9.90 3.37
N THR C 124 -8.36 -10.41 2.26
CA THR C 124 -9.10 -10.39 1.01
C THR C 124 -10.05 -11.59 0.85
N SER C 125 -10.02 -12.54 1.77
CA SER C 125 -10.91 -13.69 1.71
C SER C 125 -12.29 -13.33 2.24
N ARG C 126 -13.26 -14.23 2.01
CA ARG C 126 -14.61 -14.05 2.50
C ARG C 126 -14.77 -14.55 3.93
N ARG C 127 -13.67 -14.75 4.66
CA ARG C 127 -13.75 -15.00 6.09
C ARG C 127 -14.62 -13.95 6.76
N VAL C 128 -15.40 -14.37 7.76
CA VAL C 128 -16.35 -13.47 8.40
C VAL C 128 -15.65 -12.46 9.29
N ALA C 129 -14.65 -12.93 10.05
CA ALA C 129 -14.02 -12.12 11.10
C ALA C 129 -12.60 -12.63 11.34
N TYR C 130 -11.74 -11.72 11.79
CA TYR C 130 -10.37 -12.03 12.22
C TYR C 130 -10.20 -11.69 13.70
N VAL C 131 -9.55 -12.57 14.44
CA VAL C 131 -9.14 -12.32 15.81
C VAL C 131 -7.65 -12.64 15.93
N GLY C 132 -6.83 -11.65 16.24
CA GLY C 132 -5.41 -11.90 16.35
C GLY C 132 -4.63 -10.60 16.34
N THR C 133 -3.33 -10.75 16.41
CA THR C 133 -2.44 -9.59 16.43
C THR C 133 -2.49 -8.85 15.10
N ASP C 134 -2.35 -7.53 15.17
CA ASP C 134 -1.98 -6.74 14.00
C ASP C 134 -0.51 -7.03 13.71
N ASN C 135 -0.25 -7.98 12.80
CA ASN C 135 1.10 -8.53 12.66
C ASN C 135 2.08 -7.52 12.04
N TYR C 136 1.60 -6.67 11.12
CA TYR C 136 2.46 -5.60 10.64
C TYR C 136 2.93 -4.71 11.77
N TYR C 137 1.98 -4.20 12.58
CA TYR C 137 2.36 -3.25 13.61
C TYR C 137 3.16 -3.92 14.71
N ALA C 138 2.92 -5.22 14.94
CA ALA C 138 3.72 -5.94 15.92
C ALA C 138 5.19 -5.92 15.56
N GLY C 139 5.50 -6.03 14.26
CA GLY C 139 6.89 -6.03 13.82
C GLY C 139 7.45 -4.62 13.81
N PHE C 140 6.59 -3.66 13.43
CA PHE C 140 6.96 -2.26 13.52
C PHE C 140 7.36 -1.89 14.95
N LEU C 141 6.59 -2.36 15.94
CA LEU C 141 6.94 -2.11 17.34
C LEU C 141 8.28 -2.75 17.71
N ALA C 142 8.54 -3.96 17.22
CA ALA C 142 9.83 -4.60 17.48
C ALA C 142 10.98 -3.80 16.90
N GLY C 143 10.81 -3.26 15.69
CA GLY C 143 11.86 -2.47 15.10
C GLY C 143 12.10 -1.17 15.87
N ARG C 144 11.02 -0.50 16.26
CA ARG C 144 11.12 0.69 17.11
C ARG C 144 11.85 0.39 18.41
N ALA C 145 11.55 -0.76 19.01
CA ALA C 145 12.16 -1.14 20.28
C ALA C 145 13.65 -1.44 20.11
N LEU C 146 14.01 -2.21 19.08
CA LEU C 146 15.43 -2.46 18.82
C LEU C 146 16.20 -1.17 18.56
N ALA C 147 15.64 -0.27 17.73
CA ALA C 147 16.31 0.98 17.43
C ALA C 147 16.56 1.82 18.69
N GLU C 148 15.57 1.87 19.58
CA GLU C 148 15.78 2.57 20.86
C GLU C 148 16.86 1.89 21.67
N ASP C 149 16.72 0.59 21.92
CA ASP C 149 17.60 -0.13 22.83
C ASP C 149 19.04 -0.17 22.36
N THR C 150 19.29 -0.04 21.06
CA THR C 150 20.65 0.01 20.55
C THR C 150 21.03 1.41 20.09
N LYS C 151 20.19 2.41 20.36
CA LYS C 151 20.44 3.79 19.95
C LYS C 151 20.75 3.90 18.46
N GLY C 152 20.07 3.08 17.67
CA GLY C 152 20.20 3.17 16.23
C GLY C 152 21.49 2.63 15.65
N LYS C 153 22.21 1.76 16.37
CA LYS C 153 23.42 1.12 15.85
C LYS C 153 23.38 -0.36 16.15
N ALA C 154 23.36 -1.18 15.11
CA ALA C 154 23.26 -2.62 15.29
C ALA C 154 23.50 -3.31 13.95
N THR C 155 24.17 -4.46 14.01
CA THR C 155 24.32 -5.38 12.88
C THR C 155 23.36 -6.54 13.14
N VAL C 156 22.26 -6.58 12.38
CA VAL C 156 21.08 -7.39 12.71
C VAL C 156 21.00 -8.62 11.83
N ALA C 157 20.67 -9.76 12.45
CA ALA C 157 20.16 -10.92 11.74
C ALA C 157 18.72 -11.20 12.18
N ILE C 158 17.90 -11.66 11.24
CA ILE C 158 16.49 -11.98 11.50
C ILE C 158 16.32 -13.48 11.39
N ILE C 159 15.65 -14.08 12.38
CA ILE C 159 15.19 -15.46 12.32
C ILE C 159 13.67 -15.40 12.20
N THR C 160 13.13 -15.94 11.12
CA THR C 160 11.71 -15.87 10.84
C THR C 160 11.18 -17.28 10.62
N GLY C 161 9.90 -17.47 10.91
CA GLY C 161 9.32 -18.81 10.82
C GLY C 161 9.42 -19.40 9.42
N SER C 162 9.04 -18.61 8.43
CA SER C 162 9.14 -19.02 7.04
C SER C 162 9.05 -17.76 6.18
N LEU C 163 9.49 -17.88 4.96
CA LEU C 163 9.40 -16.78 4.08
C LEU C 163 8.05 -16.67 3.40
N THR C 164 7.19 -17.65 3.54
CA THR C 164 5.89 -17.66 2.87
CA THR C 164 5.90 -17.64 2.87
C THR C 164 4.71 -17.35 3.77
N ALA C 165 4.80 -17.62 5.07
CA ALA C 165 3.67 -17.38 5.95
C ALA C 165 3.42 -15.88 6.14
N ALA C 166 2.14 -15.48 6.09
CA ALA C 166 1.80 -14.07 6.01
C ALA C 166 2.12 -13.31 7.31
N HIS C 167 1.88 -13.94 8.47
CA HIS C 167 2.20 -13.21 9.69
C HIS C 167 3.70 -13.02 9.85
N GLN C 168 4.49 -14.00 9.44
CA GLN C 168 5.95 -13.86 9.46
C GLN C 168 6.41 -12.78 8.48
N GLN C 169 5.83 -12.75 7.27
CA GLN C 169 6.20 -11.72 6.31
C GLN C 169 5.90 -10.33 6.84
N LEU C 170 4.71 -10.15 7.43
CA LEU C 170 4.34 -8.85 7.96
C LEU C 170 5.23 -8.45 9.14
N ARG C 171 5.57 -9.39 10.02
CA ARG C 171 6.41 -9.03 11.16
C ARG C 171 7.82 -8.62 10.72
N VAL C 172 8.32 -9.25 9.65
CA VAL C 172 9.61 -8.86 9.10
C VAL C 172 9.49 -7.49 8.43
N ARG C 173 8.44 -7.29 7.64
CA ARG C 173 8.29 -6.05 6.89
C ARG C 173 8.09 -4.85 7.80
N GLY C 174 7.31 -5.00 8.88
CA GLY C 174 7.11 -3.90 9.81
C GLY C 174 8.39 -3.52 10.51
N PHE C 175 9.17 -4.51 10.93
CA PHE C 175 10.47 -4.25 11.54
C PHE C 175 11.37 -3.49 10.57
N GLU C 176 11.41 -3.93 9.30
CA GLU C 176 12.25 -3.25 8.33
C GLU C 176 11.82 -1.81 8.10
N ASP C 177 10.50 -1.57 8.06
CA ASP C 177 10.02 -0.20 7.89
C ASP C 177 10.40 0.67 9.09
N ALA C 178 10.24 0.15 10.30
CA ALA C 178 10.55 0.92 11.49
C ALA C 178 12.03 1.30 11.56
N VAL C 179 12.94 0.39 11.14
CA VAL C 179 14.37 0.65 11.27
C VAL C 179 14.98 1.32 10.04
N ARG C 180 14.21 1.53 8.97
CA ARG C 180 14.81 2.03 7.75
C ARG C 180 15.43 3.41 7.92
N GLN C 181 14.86 4.26 8.78
CA GLN C 181 15.41 5.58 9.00
C GLN C 181 16.61 5.58 9.95
N GLU C 182 16.96 4.44 10.54
CA GLU C 182 18.17 4.36 11.36
C GLU C 182 19.30 3.89 10.45
N LYS C 183 20.15 4.84 10.03
CA LYS C 183 21.23 4.54 9.10
C LYS C 183 22.25 3.58 9.71
N GLY C 184 22.39 3.59 11.03
CA GLY C 184 23.31 2.70 11.71
C GLY C 184 22.78 1.32 11.99
N ILE C 185 21.58 0.99 11.53
CA ILE C 185 21.03 -0.36 11.64
C ILE C 185 21.10 -1.01 10.27
N ARG C 186 21.76 -2.17 10.18
CA ARG C 186 21.89 -2.87 8.92
C ARG C 186 21.53 -4.34 9.13
N ILE C 187 20.66 -4.84 8.26
CA ILE C 187 20.22 -6.24 8.30
C ILE C 187 21.10 -7.02 7.34
N VAL C 188 21.86 -7.98 7.87
CA VAL C 188 22.84 -8.70 7.07
C VAL C 188 22.48 -10.16 6.84
N ALA C 189 21.46 -10.68 7.50
CA ALA C 189 21.07 -12.09 7.30
C ALA C 189 19.61 -12.25 7.67
N ILE C 190 18.92 -13.12 6.94
CA ILE C 190 17.56 -13.55 7.24
C ILE C 190 17.47 -15.04 6.99
N GLU C 191 17.04 -15.82 7.99
CA GLU C 191 16.99 -17.27 7.87
C GLU C 191 15.69 -17.79 8.46
N GLU C 192 15.25 -18.94 7.98
CA GLU C 192 14.00 -19.55 8.40
C GLU C 192 14.23 -20.62 9.45
N SER C 193 13.37 -20.65 10.45
CA SER C 193 13.45 -21.63 11.52
C SER C 193 12.43 -22.75 11.39
N HIS C 194 11.46 -22.64 10.49
CA HIS C 194 10.32 -23.57 10.42
C HIS C 194 9.72 -23.81 11.80
N ILE C 195 9.69 -22.74 12.60
CA ILE C 195 9.12 -22.63 13.95
C ILE C 195 9.53 -23.77 14.89
N THR C 196 10.78 -24.25 14.78
CA THR C 196 11.30 -25.15 15.80
C THR C 196 12.46 -24.49 16.51
N ARG C 197 12.66 -24.87 17.78
CA ARG C 197 13.85 -24.42 18.50
C ARG C 197 15.12 -24.87 17.80
N VAL C 198 15.14 -26.12 17.32
CA VAL C 198 16.37 -26.72 16.83
C VAL C 198 16.84 -26.03 15.56
N GLN C 199 15.92 -25.70 14.65
CA GLN C 199 16.37 -25.00 13.46
C GLN C 199 16.67 -23.54 13.73
N ALA C 200 15.96 -22.92 14.68
CA ALA C 200 16.33 -21.57 15.09
C ALA C 200 17.78 -21.53 15.58
N ALA C 201 18.14 -22.47 16.47
CA ALA C 201 19.52 -22.55 16.97
C ALA C 201 20.50 -22.88 15.84
N GLU C 202 20.13 -23.82 14.96
CA GLU C 202 21.02 -24.15 13.87
C GLU C 202 21.30 -22.94 12.99
N LYS C 203 20.26 -22.15 12.69
CA LYS C 203 20.44 -20.99 11.83
C LYS C 203 21.23 -19.89 12.54
N ALA C 204 21.02 -19.72 13.84
CA ALA C 204 21.77 -18.72 14.59
C ALA C 204 23.25 -19.03 14.58
N TYR C 205 23.60 -20.31 14.63
CA TYR C 205 25.01 -20.70 14.64
C TYR C 205 25.66 -20.43 13.28
N THR C 206 25.02 -20.86 12.20
CA THR C 206 25.59 -20.60 10.87
C THR C 206 25.67 -19.10 10.60
N ILE C 207 24.67 -18.34 11.03
CA ILE C 207 24.74 -16.88 10.91
C ILE C 207 25.99 -16.36 11.61
N LEU C 208 26.19 -16.74 12.87
CA LEU C 208 27.30 -16.17 13.64
C LEU C 208 28.65 -16.58 13.07
N LYS C 209 28.70 -17.65 12.28
CA LYS C 209 29.96 -18.07 11.66
C LYS C 209 30.21 -17.31 10.37
N LYS C 210 29.18 -17.19 9.53
CA LYS C 210 29.32 -16.47 8.29
C LYS C 210 29.39 -14.96 8.51
N HIS C 211 28.78 -14.45 9.58
CA HIS C 211 28.72 -13.02 9.88
C HIS C 211 29.11 -12.76 11.33
N PRO C 212 30.40 -12.85 11.67
CA PRO C 212 30.83 -12.68 13.07
C PRO C 212 30.55 -11.29 13.63
N ASP C 213 30.25 -10.31 12.81
CA ASP C 213 29.95 -8.98 13.29
C ASP C 213 28.50 -8.78 13.71
N VAL C 214 27.64 -9.80 13.56
CA VAL C 214 26.27 -9.69 14.03
C VAL C 214 26.26 -9.49 15.54
N ASN C 215 25.54 -8.45 16.00
CA ASN C 215 25.41 -8.20 17.42
C ASN C 215 23.95 -8.02 17.83
N ALA C 216 23.00 -8.37 16.96
CA ALA C 216 21.59 -8.23 17.27
C ALA C 216 20.77 -9.26 16.51
N PHE C 217 19.81 -9.87 17.19
CA PHE C 217 18.92 -10.85 16.60
C PHE C 217 17.47 -10.44 16.79
N TYR C 218 16.68 -10.58 15.73
CA TYR C 218 15.25 -10.36 15.75
C TYR C 218 14.57 -11.67 15.37
N GLY C 219 13.77 -12.23 16.27
CA GLY C 219 13.02 -13.46 16.02
C GLY C 219 11.54 -13.12 15.90
N THR C 220 10.88 -13.73 14.91
CA THR C 220 9.50 -13.32 14.59
C THR C 220 8.44 -14.35 14.96
N SER C 221 8.81 -15.51 15.53
CA SER C 221 7.85 -16.45 16.06
C SER C 221 8.27 -16.91 17.45
N ALA C 222 7.38 -17.69 18.08
CA ALA C 222 7.44 -17.88 19.53
C ALA C 222 8.69 -18.60 20.02
N LEU C 223 9.37 -19.39 19.18
CA LEU C 223 10.54 -20.15 19.63
C LEU C 223 11.86 -19.63 19.06
N ASP C 224 11.83 -18.59 18.24
CA ASP C 224 13.04 -18.17 17.53
C ASP C 224 14.09 -17.61 18.49
N ALA C 225 13.69 -16.67 19.35
CA ALA C 225 14.63 -16.09 20.30
C ALA C 225 15.16 -17.14 21.27
N ILE C 226 14.33 -18.13 21.61
CA ILE C 226 14.80 -19.21 22.49
C ILE C 226 15.97 -19.95 21.86
N GLY C 227 15.82 -20.32 20.58
CA GLY C 227 16.92 -20.94 19.85
C GLY C 227 18.14 -20.05 19.75
N VAL C 228 17.94 -18.74 19.58
CA VAL C 228 19.07 -17.83 19.48
C VAL C 228 19.78 -17.73 20.82
N ALA C 229 19.02 -17.59 21.91
CA ALA C 229 19.63 -17.39 23.22
C ALA C 229 20.49 -18.57 23.63
N LYS C 230 20.16 -19.78 23.18
CA LYS C 230 20.97 -20.95 23.50
C LYS C 230 22.34 -20.86 22.84
N VAL C 231 22.37 -20.50 21.55
CA VAL C 231 23.65 -20.37 20.86
C VAL C 231 24.44 -19.21 21.43
N VAL C 232 23.79 -18.08 21.73
CA VAL C 232 24.51 -16.92 22.27
C VAL C 232 25.11 -17.26 23.63
N GLU C 233 24.34 -17.95 24.49
CA GLU C 233 24.87 -18.35 25.78
C GLU C 233 26.04 -19.31 25.62
N GLN C 234 26.02 -20.12 24.56
CA GLN C 234 27.09 -21.11 24.34
C GLN C 234 28.43 -20.46 24.03
N PHE C 235 28.45 -19.24 23.52
CA PHE C 235 29.73 -18.60 23.22
C PHE C 235 30.21 -17.70 24.34
N HIS C 236 29.32 -17.27 25.24
CA HIS C 236 29.73 -16.76 26.55
C HIS C 236 30.58 -15.50 26.45
N ARG C 237 30.30 -14.64 25.46
CA ARG C 237 31.12 -13.47 25.22
C ARG C 237 30.88 -12.39 26.28
N GLU C 238 31.89 -11.53 26.49
CA GLU C 238 31.66 -10.27 27.19
C GLU C 238 30.90 -9.30 26.31
N GLN C 239 31.25 -9.23 25.01
CA GLN C 239 30.48 -8.45 24.06
C GLN C 239 29.07 -9.05 24.03
N LYS C 240 28.06 -8.31 24.43
CA LYS C 240 26.80 -9.02 24.46
C LYS C 240 25.95 -8.70 23.24
N THR C 241 25.03 -9.61 23.00
CA THR C 241 24.23 -9.67 21.79
C THR C 241 22.82 -9.26 22.16
N TYR C 242 22.25 -8.31 21.42
CA TYR C 242 20.88 -7.90 21.65
C TYR C 242 19.93 -8.86 20.95
N ILE C 243 18.88 -9.29 21.65
CA ILE C 243 17.91 -10.25 21.12
C ILE C 243 16.53 -9.74 21.45
N ILE C 244 15.73 -9.48 20.43
CA ILE C 244 14.31 -9.20 20.62
C ILE C 244 13.52 -10.32 19.94
N GLY C 245 12.63 -10.94 20.70
CA GLY C 245 11.88 -12.05 20.14
C GLY C 245 10.39 -11.83 20.11
N PHE C 246 9.66 -12.93 19.95
CA PHE C 246 8.20 -12.90 19.94
C PHE C 246 7.67 -13.80 21.04
N ASP C 247 6.57 -13.35 21.64
CA ASP C 247 5.74 -14.13 22.56
C ASP C 247 6.37 -14.28 23.93
N THR C 248 5.62 -14.83 24.88
CA THR C 248 5.98 -14.81 26.29
C THR C 248 5.96 -16.20 26.89
N LEU C 249 6.40 -17.20 26.12
CA LEU C 249 6.50 -18.55 26.66
C LEU C 249 7.43 -18.58 27.85
N PRO C 250 7.34 -19.62 28.70
CA PRO C 250 8.18 -19.65 29.91
C PRO C 250 9.67 -19.48 29.64
N GLU C 251 10.24 -20.23 28.68
CA GLU C 251 11.66 -20.10 28.39
C GLU C 251 12.02 -18.68 27.99
N THR C 252 11.18 -18.04 27.17
CA THR C 252 11.45 -16.66 26.80
C THR C 252 11.50 -15.77 28.03
N ILE C 253 10.52 -15.95 28.92
CA ILE C 253 10.45 -15.18 30.16
C ILE C 253 11.68 -15.43 31.01
N ARG C 254 12.14 -16.69 31.06
CA ARG C 254 13.32 -17.00 31.85
C ARG C 254 14.57 -16.34 31.28
N TYR C 255 14.75 -16.40 29.96
CA TYR C 255 15.87 -15.72 29.32
C TYR C 255 15.80 -14.20 29.52
N LEU C 256 14.58 -13.65 29.48
CA LEU C 256 14.40 -12.22 29.71
C LEU C 256 14.84 -11.84 31.12
N GLN C 257 14.54 -12.70 32.11
CA GLN C 257 14.96 -12.45 33.47
C GLN C 257 16.48 -12.52 33.60
N LYS C 258 17.12 -13.47 32.90
CA LYS C 258 18.57 -13.59 32.91
C LYS C 258 19.27 -12.42 32.24
N GLY C 259 18.61 -11.72 31.32
CA GLY C 259 19.25 -10.71 30.50
C GLY C 259 19.78 -11.21 29.17
N THR C 260 19.69 -12.51 28.89
CA THR C 260 20.13 -13.04 27.60
C THR C 260 19.27 -12.50 26.45
N ILE C 261 17.95 -12.50 26.64
CA ILE C 261 17.01 -11.84 25.73
C ILE C 261 16.70 -10.47 26.33
N ALA C 262 16.62 -9.45 25.48
CA ALA C 262 16.43 -8.07 25.91
C ALA C 262 14.99 -7.60 25.83
N ALA C 263 14.23 -8.03 24.82
CA ALA C 263 12.86 -7.58 24.65
C ALA C 263 12.07 -8.71 24.00
N THR C 264 10.74 -8.61 24.06
CA THR C 264 9.92 -9.58 23.35
C THR C 264 8.55 -8.97 23.06
N VAL C 265 7.97 -9.38 21.93
CA VAL C 265 6.70 -8.82 21.48
C VAL C 265 5.58 -9.69 22.02
N VAL C 266 4.71 -9.08 22.81
CA VAL C 266 3.64 -9.79 23.51
C VAL C 266 2.53 -10.13 22.51
N GLN C 267 1.93 -11.31 22.67
CA GLN C 267 0.69 -11.65 22.00
C GLN C 267 -0.28 -12.21 23.03
N GLU C 268 -1.53 -12.40 22.62
CA GLU C 268 -2.60 -12.91 23.48
C GLU C 268 -3.22 -14.17 22.88
N PRO C 269 -2.48 -15.30 22.89
CA PRO C 269 -2.99 -16.52 22.25
C PRO C 269 -4.21 -17.11 22.92
N TYR C 270 -4.20 -17.22 24.26
CA TYR C 270 -5.40 -17.70 24.95
C TYR C 270 -6.60 -16.83 24.60
N GLU C 271 -6.42 -15.51 24.58
CA GLU C 271 -7.53 -14.60 24.29
C GLU C 271 -7.99 -14.71 22.85
N MET C 272 -7.09 -14.96 21.90
CA MET C 272 -7.59 -15.04 20.53
C MET C 272 -8.33 -16.35 20.29
N GLY C 273 -7.94 -17.44 20.95
CA GLY C 273 -8.72 -18.67 20.85
C GLY C 273 -10.07 -18.56 21.54
N TYR C 274 -10.08 -17.98 22.74
CA TYR C 274 -11.33 -17.78 23.48
C TYR C 274 -12.28 -16.90 22.69
N LYS C 275 -11.79 -15.74 22.23
CA LYS C 275 -12.66 -14.84 21.47
C LYS C 275 -13.07 -15.45 20.14
N ALA C 276 -12.20 -16.21 19.49
CA ALA C 276 -12.57 -16.81 18.21
C ALA C 276 -13.78 -17.71 18.34
N VAL C 277 -13.83 -18.51 19.42
CA VAL C 277 -14.96 -19.40 19.64
C VAL C 277 -16.23 -18.60 19.98
N LYS C 278 -16.10 -17.57 20.82
CA LYS C 278 -17.25 -16.71 21.11
C LYS C 278 -17.80 -16.09 19.84
N MET C 279 -16.92 -15.49 19.03
CA MET C 279 -17.35 -14.90 17.77
C MET C 279 -18.04 -15.92 16.88
N MET C 280 -17.49 -17.15 16.77
CA MET C 280 -18.13 -18.14 15.91
C MET C 280 -19.56 -18.44 16.38
N ALA C 281 -19.75 -18.60 17.69
CA ALA C 281 -21.09 -18.83 18.20
C ALA C 281 -22.02 -17.68 17.86
N GLU C 282 -21.50 -16.45 17.87
CA GLU C 282 -22.31 -15.28 17.49
C GLU C 282 -22.67 -15.33 16.00
N ILE C 283 -21.71 -15.65 15.15
CA ILE C 283 -21.93 -15.73 13.70
C ILE C 283 -22.97 -16.80 13.38
N VAL C 284 -22.86 -17.96 14.02
CA VAL C 284 -23.82 -19.04 13.76
C VAL C 284 -25.22 -18.67 14.25
N ALA C 285 -25.34 -17.77 15.24
CA ALA C 285 -26.64 -17.29 15.70
C ALA C 285 -27.17 -16.12 14.89
N GLY C 286 -26.52 -15.77 13.78
CA GLY C 286 -26.96 -14.67 12.94
C GLY C 286 -26.55 -13.28 13.39
N LYS C 287 -25.74 -13.16 14.45
CA LYS C 287 -25.37 -11.85 14.98
C LYS C 287 -24.17 -11.26 14.23
N ASP C 288 -24.09 -9.93 14.24
CA ASP C 288 -22.93 -9.29 13.64
C ASP C 288 -21.76 -9.27 14.61
N VAL C 289 -20.56 -9.38 14.05
CA VAL C 289 -19.32 -9.23 14.81
C VAL C 289 -18.42 -8.26 14.05
N PRO C 290 -17.48 -7.58 14.70
CA PRO C 290 -16.56 -6.74 13.95
C PRO C 290 -15.68 -7.60 13.06
N VAL C 291 -15.36 -7.08 11.87
CA VAL C 291 -14.54 -7.81 10.91
C VAL C 291 -13.17 -8.14 11.52
N VAL C 292 -12.58 -7.22 12.27
CA VAL C 292 -11.24 -7.42 12.83
C VAL C 292 -11.26 -7.05 14.30
N THR C 293 -10.82 -7.99 15.14
CA THR C 293 -10.47 -7.75 16.54
C THR C 293 -8.98 -7.97 16.67
N ASN C 294 -8.21 -6.91 16.79
CA ASN C 294 -6.77 -7.03 17.02
C ASN C 294 -6.53 -7.15 18.52
N THR C 295 -6.08 -8.33 18.96
CA THR C 295 -5.75 -8.49 20.36
C THR C 295 -4.46 -7.71 20.67
N GLU C 296 -4.12 -7.62 21.97
CA GLU C 296 -3.11 -6.68 22.41
C GLU C 296 -1.70 -7.15 22.04
N THR C 297 -0.88 -6.20 21.59
CA THR C 297 0.54 -6.48 21.35
C THR C 297 1.37 -5.29 21.81
N LYS C 298 2.51 -5.59 22.43
CA LYS C 298 3.44 -4.56 22.88
C LYS C 298 4.78 -5.22 23.16
N VAL C 299 5.84 -4.41 23.15
CA VAL C 299 7.17 -4.89 23.48
C VAL C 299 7.38 -4.73 24.98
N ILE C 300 7.75 -5.82 25.64
CA ILE C 300 8.06 -5.78 27.06
C ILE C 300 9.54 -6.10 27.25
N ARG C 301 10.09 -5.62 28.36
CA ARG C 301 11.48 -5.86 28.72
C ARG C 301 11.52 -6.45 30.14
N LYS C 302 12.73 -6.58 30.69
CA LYS C 302 12.86 -7.20 32.01
C LYS C 302 12.21 -6.36 33.10
N LYS C 303 12.13 -5.04 32.92
CA LYS C 303 11.53 -4.19 33.95
C LYS C 303 10.04 -4.45 34.09
N ASP C 304 9.40 -5.06 33.10
CA ASP C 304 7.97 -5.32 33.19
C ASP C 304 7.66 -6.65 33.86
N LEU C 305 8.65 -7.53 34.01
CA LEU C 305 8.47 -8.77 34.75
C LEU C 305 8.37 -8.52 36.26
N PRO C 306 7.72 -9.42 37.01
CA PRO C 306 6.92 -10.55 36.50
C PRO C 306 5.58 -10.09 35.91
N LEU C 307 4.91 -10.99 35.18
CA LEU C 307 3.57 -10.73 34.63
C LEU C 307 2.51 -11.41 35.50
N GLU D 25 20.60 -30.55 -29.57
CA GLU D 25 19.86 -31.67 -29.02
C GLU D 25 20.84 -32.67 -28.43
N THR D 26 21.52 -33.33 -29.36
CA THR D 26 22.49 -34.37 -29.06
C THR D 26 23.83 -33.83 -28.59
N THR D 27 24.06 -32.53 -28.70
CA THR D 27 25.40 -31.99 -28.43
C THR D 27 25.58 -31.83 -26.92
N LYS D 28 26.35 -32.76 -26.35
CA LYS D 28 26.77 -32.69 -24.96
C LYS D 28 27.37 -31.34 -24.60
N GLU D 29 27.99 -30.66 -25.58
CA GLU D 29 28.80 -29.48 -25.31
C GLU D 29 28.01 -28.18 -25.36
N ALA D 30 26.76 -28.18 -25.78
CA ALA D 30 25.97 -26.96 -25.70
C ALA D 30 25.41 -26.78 -24.29
N TYR D 31 25.13 -25.52 -23.94
CA TYR D 31 24.35 -25.26 -22.74
C TYR D 31 22.97 -25.89 -22.93
N HIS D 32 22.36 -26.30 -21.82
CA HIS D 32 21.03 -26.93 -21.86
C HIS D 32 20.10 -26.19 -20.92
N PHE D 33 19.13 -25.48 -21.52
CA PHE D 33 18.07 -24.77 -20.80
C PHE D 33 16.75 -25.51 -20.95
N VAL D 34 16.05 -25.73 -19.84
CA VAL D 34 14.72 -26.32 -19.82
C VAL D 34 13.68 -25.21 -19.73
N LEU D 35 12.66 -25.26 -20.60
CA LEU D 35 11.48 -24.40 -20.49
C LEU D 35 10.27 -25.25 -20.09
N VAL D 36 9.64 -24.91 -18.97
CA VAL D 36 8.51 -25.68 -18.46
C VAL D 36 7.23 -24.87 -18.57
N PRO D 37 6.39 -25.13 -19.55
CA PRO D 37 5.15 -24.37 -19.70
C PRO D 37 4.11 -24.81 -18.67
N GLU D 38 3.03 -24.02 -18.59
CA GLU D 38 1.89 -24.42 -17.79
C GLU D 38 1.32 -25.74 -18.26
N GLU D 39 1.24 -25.93 -19.58
CA GLU D 39 0.64 -27.07 -20.25
C GLU D 39 1.31 -27.19 -21.62
N LEU D 40 1.52 -28.43 -22.08
CA LEU D 40 2.25 -28.65 -23.32
C LEU D 40 1.64 -28.01 -24.56
N ASP D 41 0.47 -28.46 -25.04
CA ASP D 41 -0.01 -28.06 -26.36
C ASP D 41 -1.02 -26.92 -26.34
N ASN D 42 -1.12 -26.20 -25.24
CA ASN D 42 -1.89 -24.95 -25.23
C ASN D 42 -1.35 -23.99 -26.29
N ASP D 43 -2.25 -23.39 -27.07
CA ASP D 43 -1.82 -22.59 -28.22
C ASP D 43 -0.98 -21.39 -27.80
N TYR D 44 -1.35 -20.75 -26.69
CA TYR D 44 -0.55 -19.63 -26.21
C TYR D 44 0.85 -20.09 -25.83
N TRP D 45 0.94 -21.17 -25.04
CA TRP D 45 2.26 -21.62 -24.61
C TRP D 45 3.12 -22.10 -25.76
N ARG D 46 2.51 -22.68 -26.81
CA ARG D 46 3.29 -22.99 -28.01
C ARG D 46 3.92 -21.73 -28.61
N LEU D 47 3.27 -20.57 -28.48
CA LEU D 47 3.87 -19.33 -28.98
C LEU D 47 5.06 -18.91 -28.13
N VAL D 48 4.95 -19.07 -26.82
CA VAL D 48 6.09 -18.86 -25.94
C VAL D 48 7.25 -19.78 -26.36
N GLU D 49 6.93 -21.04 -26.67
CA GLU D 49 7.98 -21.98 -27.06
C GLU D 49 8.66 -21.52 -28.34
N LYS D 50 7.88 -21.01 -29.30
CA LYS D 50 8.43 -20.55 -30.57
C LYS D 50 9.47 -19.44 -30.36
N GLY D 51 9.13 -18.42 -29.57
CA GLY D 51 10.12 -17.40 -29.26
C GLY D 51 11.35 -17.98 -28.60
N ALA D 52 11.16 -18.90 -27.65
CA ALA D 52 12.28 -19.45 -26.90
C ALA D 52 13.22 -20.23 -27.81
N LYS D 53 12.63 -21.10 -28.65
CA LYS D 53 13.43 -21.89 -29.61
C LYS D 53 14.27 -20.99 -30.49
N ALA D 54 13.69 -19.89 -30.97
CA ALA D 54 14.40 -19.00 -31.90
C ALA D 54 15.57 -18.31 -31.20
N ALA D 55 15.37 -17.83 -29.97
CA ALA D 55 16.48 -17.29 -29.21
C ALA D 55 17.56 -18.34 -28.98
N ALA D 56 17.15 -19.56 -28.64
CA ALA D 56 18.10 -20.64 -28.41
C ALA D 56 18.88 -20.96 -29.67
N LYS D 57 18.21 -20.95 -30.82
CA LYS D 57 18.89 -21.16 -32.08
C LYS D 57 19.94 -20.08 -32.34
N GLU D 58 19.61 -18.82 -32.03
CA GLU D 58 20.54 -17.72 -32.24
C GLU D 58 21.79 -17.86 -31.39
N LEU D 59 21.62 -18.30 -30.15
CA LEU D 59 22.75 -18.47 -29.24
C LEU D 59 23.40 -19.83 -29.35
N GLY D 60 22.83 -20.75 -30.13
CA GLY D 60 23.39 -22.09 -30.19
C GLY D 60 23.31 -22.84 -28.87
N VAL D 61 22.19 -22.70 -28.16
CA VAL D 61 21.97 -23.44 -26.94
C VAL D 61 20.86 -24.45 -27.18
N ASP D 62 20.80 -25.47 -26.31
CA ASP D 62 19.79 -26.52 -26.38
C ASP D 62 18.64 -26.15 -25.43
N LEU D 63 17.45 -26.00 -25.99
CA LEU D 63 16.26 -25.63 -25.23
C LEU D 63 15.33 -26.84 -25.18
N GLU D 64 15.14 -27.39 -23.98
CA GLU D 64 14.27 -28.53 -23.75
C GLU D 64 12.90 -28.03 -23.29
N TYR D 65 11.89 -28.20 -24.14
CA TYR D 65 10.50 -27.86 -23.81
C TYR D 65 9.86 -29.08 -23.13
N ILE D 66 9.79 -29.06 -21.80
CA ILE D 66 9.30 -30.18 -21.01
C ILE D 66 8.19 -29.66 -20.12
N GLY D 67 6.99 -30.28 -20.20
CA GLY D 67 5.88 -29.79 -19.42
C GLY D 67 4.80 -30.82 -19.18
N PRO D 68 3.90 -30.51 -18.27
CA PRO D 68 2.77 -31.38 -18.03
C PRO D 68 1.85 -31.35 -19.21
N ARG D 69 1.25 -32.48 -19.56
CA ARG D 69 0.34 -32.50 -20.68
C ARG D 69 -0.92 -31.68 -20.41
N GLN D 70 -1.38 -31.67 -19.17
CA GLN D 70 -2.44 -30.80 -18.70
C GLN D 70 -1.96 -30.13 -17.43
N ALA D 71 -2.35 -28.87 -17.25
CA ALA D 71 -1.86 -28.08 -16.13
C ALA D 71 -2.08 -28.82 -14.82
N ASN D 72 -1.01 -28.96 -14.06
CA ASN D 72 -1.00 -29.80 -12.86
C ASN D 72 0.18 -29.36 -12.02
N ILE D 73 -0.08 -28.82 -10.83
CA ILE D 73 0.98 -28.19 -10.04
C ILE D 73 2.02 -29.21 -9.60
N ASP D 74 1.60 -30.41 -9.16
CA ASP D 74 2.56 -31.38 -8.65
C ASP D 74 3.32 -32.07 -9.76
N GLU D 75 2.74 -32.07 -10.92
CA GLU D 75 3.40 -32.57 -12.06
C GLU D 75 4.48 -31.52 -12.40
N HIS D 76 4.07 -30.29 -12.58
CA HIS D 76 4.98 -29.18 -12.89
C HIS D 76 6.18 -29.19 -11.96
N LEU D 77 5.93 -29.30 -10.65
CA LEU D 77 7.02 -29.32 -9.68
C LEU D 77 7.90 -30.56 -9.84
N ARG D 78 7.30 -31.70 -10.19
CA ARG D 78 8.11 -32.89 -10.45
C ARG D 78 9.10 -32.64 -11.57
N ILE D 79 8.65 -31.99 -12.64
CA ILE D 79 9.53 -31.75 -13.79
C ILE D 79 10.69 -30.83 -13.39
N LEU D 80 10.42 -29.86 -12.53
CA LEU D 80 11.47 -28.93 -12.11
C LEU D 80 12.56 -29.65 -11.31
N LYS D 81 12.15 -30.43 -10.31
CA LYS D 81 13.13 -31.15 -9.49
C LYS D 81 13.87 -32.20 -10.31
N LYS D 82 13.22 -32.76 -11.34
CA LYS D 82 13.87 -33.72 -12.21
C LYS D 82 14.92 -33.03 -13.08
N ALA D 83 14.56 -31.89 -13.67
CA ALA D 83 15.52 -31.14 -14.48
C ALA D 83 16.75 -30.75 -13.65
N ALA D 84 16.53 -30.31 -12.41
CA ALA D 84 17.64 -29.93 -11.55
C ALA D 84 18.54 -31.13 -11.25
N ALA D 85 17.94 -32.31 -11.09
CA ALA D 85 18.70 -33.54 -10.86
C ALA D 85 19.55 -33.89 -12.09
N ALA D 86 19.00 -33.73 -13.29
CA ALA D 86 19.78 -33.90 -14.51
C ALA D 86 20.92 -32.88 -14.63
N LYS D 87 21.03 -31.93 -13.70
CA LYS D 87 22.08 -30.90 -13.72
C LYS D 87 22.08 -30.10 -15.03
N VAL D 88 20.89 -29.64 -15.44
CA VAL D 88 20.82 -28.73 -16.58
C VAL D 88 21.42 -27.38 -16.19
N ASP D 89 21.72 -26.56 -17.21
CA ASP D 89 22.40 -25.29 -16.97
C ASP D 89 21.48 -24.16 -16.50
N GLY D 90 20.17 -24.32 -16.63
CA GLY D 90 19.25 -23.26 -16.28
C GLY D 90 17.83 -23.73 -16.51
N ILE D 91 16.88 -23.18 -15.77
CA ILE D 91 15.48 -23.59 -15.87
C ILE D 91 14.63 -22.33 -16.01
N ILE D 92 13.80 -22.30 -17.05
CA ILE D 92 12.80 -21.25 -17.26
C ILE D 92 11.43 -21.89 -17.02
N THR D 93 10.64 -21.29 -16.14
CA THR D 93 9.38 -21.92 -15.76
C THR D 93 8.35 -20.86 -15.43
N GLN D 94 7.10 -21.18 -15.76
CA GLN D 94 6.01 -20.41 -15.20
C GLN D 94 6.12 -20.46 -13.68
N GLY D 95 5.87 -19.32 -13.05
CA GLY D 95 5.79 -19.30 -11.60
C GLY D 95 4.53 -20.02 -11.14
N LEU D 96 4.64 -20.71 -10.02
CA LEU D 96 3.51 -21.35 -9.38
C LEU D 96 3.20 -20.63 -8.08
N THR D 97 2.10 -21.04 -7.45
CA THR D 97 1.75 -20.58 -6.12
C THR D 97 2.97 -20.61 -5.19
N GLU D 98 3.15 -19.53 -4.43
CA GLU D 98 4.39 -19.31 -3.70
C GLU D 98 4.69 -20.41 -2.68
N ALA D 99 3.65 -20.97 -2.04
CA ALA D 99 3.87 -21.91 -0.95
C ALA D 99 4.59 -23.18 -1.42
N GLU D 100 4.26 -23.65 -2.62
CA GLU D 100 4.92 -24.85 -3.14
C GLU D 100 6.14 -24.51 -3.99
N PHE D 101 6.13 -23.35 -4.64
CA PHE D 101 7.17 -22.97 -5.59
C PHE D 101 8.42 -22.44 -4.90
N VAL D 102 8.24 -21.71 -3.78
CA VAL D 102 9.40 -21.10 -3.11
C VAL D 102 10.38 -22.16 -2.59
N PRO D 103 9.96 -23.16 -1.79
CA PRO D 103 10.94 -24.15 -1.33
C PRO D 103 11.59 -24.94 -2.46
N VAL D 104 10.88 -25.19 -3.56
CA VAL D 104 11.46 -25.93 -4.66
C VAL D 104 12.53 -25.09 -5.37
N ILE D 105 12.15 -23.90 -5.82
CA ILE D 105 13.10 -23.02 -6.51
C ILE D 105 14.30 -22.71 -5.62
N ASN D 106 14.06 -22.54 -4.32
CA ASN D 106 15.17 -22.28 -3.42
C ASN D 106 16.17 -23.44 -3.44
N GLU D 107 15.67 -24.67 -3.28
CA GLU D 107 16.60 -25.80 -3.27
C GLU D 107 17.26 -26.03 -4.62
N ILE D 108 16.59 -25.69 -5.72
CA ILE D 108 17.24 -25.72 -7.03
C ILE D 108 18.34 -24.67 -7.09
N THR D 109 18.11 -23.49 -6.48
CA THR D 109 19.11 -22.44 -6.49
C THR D 109 20.33 -22.81 -5.65
N ASP D 110 20.11 -23.47 -4.50
CA ASP D 110 21.23 -24.03 -3.73
C ASP D 110 22.05 -25.01 -4.57
N LYS D 111 21.41 -25.74 -5.48
CA LYS D 111 22.11 -26.60 -6.42
C LYS D 111 22.74 -25.82 -7.57
N ASN D 112 22.87 -24.50 -7.43
CA ASN D 112 23.63 -23.65 -8.36
C ASN D 112 23.06 -23.69 -9.77
N ILE D 113 21.75 -23.86 -9.88
CA ILE D 113 21.04 -23.81 -11.17
C ILE D 113 20.18 -22.56 -11.18
N PRO D 114 20.42 -21.61 -12.10
CA PRO D 114 19.63 -20.37 -12.13
C PRO D 114 18.23 -20.61 -12.67
N VAL D 115 17.27 -19.89 -12.09
CA VAL D 115 15.86 -20.04 -12.43
C VAL D 115 15.33 -18.69 -12.89
N VAL D 116 14.70 -18.67 -14.06
CA VAL D 116 13.98 -17.51 -14.58
C VAL D 116 12.50 -17.86 -14.64
N THR D 117 11.65 -16.96 -14.16
CA THR D 117 10.21 -17.12 -14.32
C THR D 117 9.73 -16.42 -15.58
N ILE D 118 8.64 -16.96 -16.14
CA ILE D 118 8.08 -16.50 -17.41
C ILE D 118 6.56 -16.56 -17.33
N ASP D 119 5.90 -15.53 -17.86
CA ASP D 119 4.43 -15.46 -18.01
C ASP D 119 3.72 -15.22 -16.69
N THR D 120 4.19 -15.88 -15.63
CA THR D 120 3.64 -15.76 -14.28
C THR D 120 4.83 -15.69 -13.33
N ASP D 121 4.88 -14.67 -12.47
CA ASP D 121 6.03 -14.50 -11.61
C ASP D 121 5.80 -15.15 -10.25
N ALA D 122 6.91 -15.42 -9.55
CA ALA D 122 6.90 -15.75 -8.12
C ALA D 122 7.92 -14.85 -7.42
N PRO D 123 7.55 -13.59 -7.14
CA PRO D 123 8.56 -12.60 -6.73
C PRO D 123 9.14 -12.82 -5.35
N THR D 124 8.57 -13.68 -4.51
CA THR D 124 9.24 -13.93 -3.24
C THR D 124 10.25 -15.07 -3.32
N SER D 125 10.29 -15.79 -4.44
CA SER D 125 11.24 -16.88 -4.62
C SER D 125 12.62 -16.36 -4.97
N ARG D 126 13.59 -17.26 -4.97
CA ARG D 126 14.96 -16.89 -5.32
C ARG D 126 15.21 -16.89 -6.82
N ARG D 127 14.15 -16.98 -7.64
CA ARG D 127 14.30 -16.82 -9.08
C ARG D 127 15.07 -15.54 -9.37
N VAL D 128 15.93 -15.60 -10.38
CA VAL D 128 16.81 -14.47 -10.65
C VAL D 128 16.02 -13.35 -11.32
N ALA D 129 15.21 -13.69 -12.31
CA ALA D 129 14.59 -12.71 -13.18
C ALA D 129 13.22 -13.22 -13.64
N TYR D 130 12.29 -12.28 -13.86
CA TYR D 130 10.98 -12.53 -14.45
C TYR D 130 10.89 -11.85 -15.81
N VAL D 131 10.28 -12.54 -16.77
CA VAL D 131 9.87 -11.91 -18.03
C VAL D 131 8.40 -12.27 -18.27
N GLY D 132 7.55 -11.26 -18.38
CA GLY D 132 6.16 -11.54 -18.65
C GLY D 132 5.32 -10.30 -18.36
N THR D 133 4.02 -10.47 -18.61
CA THR D 133 3.06 -9.41 -18.37
C THR D 133 3.01 -9.02 -16.90
N ASP D 134 2.80 -7.73 -16.64
CA ASP D 134 2.34 -7.29 -15.32
C ASP D 134 0.89 -7.74 -15.19
N ASN D 135 0.67 -8.84 -14.46
CA ASN D 135 -0.63 -9.51 -14.52
C ASN D 135 -1.71 -8.75 -13.76
N TYR D 136 -1.38 -8.17 -12.61
CA TYR D 136 -2.34 -7.28 -11.95
C TYR D 136 -2.77 -6.17 -12.89
N TYR D 137 -1.79 -5.50 -13.51
CA TYR D 137 -2.18 -4.34 -14.29
C TYR D 137 -2.86 -4.74 -15.60
N ALA D 138 -2.57 -5.92 -16.13
CA ALA D 138 -3.33 -6.40 -17.27
C ALA D 138 -4.81 -6.47 -16.95
N GLY D 139 -5.16 -7.00 -15.77
CA GLY D 139 -6.56 -7.12 -15.41
C GLY D 139 -7.16 -5.77 -15.09
N PHE D 140 -6.36 -4.87 -14.50
CA PHE D 140 -6.82 -3.52 -14.23
C PHE D 140 -7.21 -2.81 -15.52
N LEU D 141 -6.40 -2.97 -16.57
CA LEU D 141 -6.71 -2.40 -17.86
C LEU D 141 -7.99 -2.99 -18.45
N ALA D 142 -8.22 -4.29 -18.23
CA ALA D 142 -9.45 -4.90 -18.72
C ALA D 142 -10.65 -4.33 -17.98
N GLY D 143 -10.53 -4.12 -16.67
CA GLY D 143 -11.63 -3.53 -15.91
C GLY D 143 -11.95 -2.12 -16.35
N ARG D 144 -10.90 -1.31 -16.58
CA ARG D 144 -11.09 0.04 -17.08
C ARG D 144 -11.76 0.02 -18.45
N ALA D 145 -11.31 -0.87 -19.33
CA ALA D 145 -11.88 -0.99 -20.66
C ALA D 145 -13.37 -1.36 -20.61
N LEU D 146 -13.71 -2.40 -19.81
CA LEU D 146 -15.11 -2.78 -19.70
C LEU D 146 -15.96 -1.63 -19.16
N ALA D 147 -15.46 -0.94 -18.13
CA ALA D 147 -16.22 0.18 -17.57
C ALA D 147 -16.41 1.29 -18.60
N GLU D 148 -15.36 1.57 -19.37
CA GLU D 148 -15.49 2.55 -20.45
C GLU D 148 -16.54 2.11 -21.46
N ASP D 149 -16.40 0.90 -21.97
CA ASP D 149 -17.24 0.47 -23.09
C ASP D 149 -18.70 0.32 -22.70
N THR D 150 -18.98 -0.02 -21.44
CA THR D 150 -20.35 -0.18 -20.98
C THR D 150 -20.88 1.05 -20.23
N LYS D 151 -20.07 2.12 -20.13
CA LYS D 151 -20.47 3.34 -19.44
C LYS D 151 -20.79 3.09 -17.97
N GLY D 152 -20.05 2.18 -17.35
CA GLY D 152 -20.27 1.87 -15.95
C GLY D 152 -21.49 1.06 -15.63
N LYS D 153 -22.08 0.36 -16.61
CA LYS D 153 -23.34 -0.36 -16.39
C LYS D 153 -23.24 -1.77 -16.99
N ALA D 154 -23.13 -2.79 -16.14
CA ALA D 154 -22.99 -4.15 -16.62
C ALA D 154 -23.20 -5.16 -15.48
N THR D 155 -23.79 -6.31 -15.83
CA THR D 155 -23.92 -7.46 -14.95
C THR D 155 -22.91 -8.50 -15.45
N VAL D 156 -21.83 -8.67 -14.69
CA VAL D 156 -20.61 -9.33 -15.19
C VAL D 156 -20.49 -10.75 -14.65
N ALA D 157 -20.06 -11.67 -15.51
CA ALA D 157 -19.55 -12.96 -15.09
C ALA D 157 -18.09 -13.08 -15.52
N ILE D 158 -17.27 -13.70 -14.67
CA ILE D 158 -15.85 -13.90 -14.94
C ILE D 158 -15.59 -15.38 -15.21
N ILE D 159 -14.92 -15.67 -16.32
CA ILE D 159 -14.37 -16.98 -16.62
C ILE D 159 -12.85 -16.89 -16.45
N THR D 160 -12.31 -17.68 -15.54
CA THR D 160 -10.88 -17.62 -15.25
C THR D 160 -10.29 -19.02 -15.40
N GLY D 161 -9.00 -19.06 -15.76
CA GLY D 161 -8.36 -20.36 -15.98
C GLY D 161 -8.37 -21.22 -14.73
N SER D 162 -8.05 -20.62 -13.58
CA SER D 162 -8.17 -21.31 -12.31
C SER D 162 -8.13 -20.30 -11.18
N LEU D 163 -8.70 -20.70 -10.06
CA LEU D 163 -8.74 -19.90 -8.84
C LEU D 163 -7.47 -20.01 -8.03
N THR D 164 -6.51 -20.83 -8.46
CA THR D 164 -5.25 -21.03 -7.75
CA THR D 164 -5.26 -21.00 -7.73
C THR D 164 -4.03 -20.50 -8.49
N ALA D 165 -4.07 -20.43 -9.81
CA ALA D 165 -2.91 -19.94 -10.55
C ALA D 165 -2.68 -18.45 -10.30
N ALA D 166 -1.40 -18.09 -10.10
CA ALA D 166 -1.06 -16.75 -9.62
C ALA D 166 -1.47 -15.67 -10.62
N HIS D 167 -1.21 -15.89 -11.91
CA HIS D 167 -1.54 -14.87 -12.89
C HIS D 167 -3.06 -14.69 -13.02
N GLN D 168 -3.81 -15.78 -12.90
CA GLN D 168 -5.26 -15.68 -12.98
C GLN D 168 -5.82 -14.92 -11.79
N GLN D 169 -5.30 -15.18 -10.59
CA GLN D 169 -5.73 -14.46 -9.40
C GLN D 169 -5.48 -12.95 -9.56
N LEU D 170 -4.30 -12.60 -10.05
CA LEU D 170 -3.97 -11.18 -10.21
C LEU D 170 -4.84 -10.51 -11.26
N ARG D 171 -5.13 -11.21 -12.36
CA ARG D 171 -5.95 -10.64 -13.43
C ARG D 171 -7.39 -10.44 -12.98
N VAL D 172 -7.91 -11.35 -12.16
CA VAL D 172 -9.25 -11.15 -11.59
C VAL D 172 -9.23 -9.99 -10.63
N ARG D 173 -8.24 -10.00 -9.75
CA ARG D 173 -8.20 -9.02 -8.67
C ARG D 173 -7.99 -7.60 -9.22
N GLY D 174 -7.17 -7.45 -10.26
CA GLY D 174 -6.98 -6.12 -10.85
C GLY D 174 -8.22 -5.63 -11.57
N PHE D 175 -8.94 -6.54 -12.23
CA PHE D 175 -10.23 -6.19 -12.81
C PHE D 175 -11.19 -5.69 -11.75
N GLU D 176 -11.28 -6.42 -10.63
CA GLU D 176 -12.21 -6.04 -9.57
C GLU D 176 -11.85 -4.67 -8.99
N ASP D 177 -10.55 -4.41 -8.81
CA ASP D 177 -10.12 -3.11 -8.30
C ASP D 177 -10.49 -1.98 -9.25
N ALA D 178 -10.38 -2.22 -10.56
CA ALA D 178 -10.66 -1.16 -11.52
C ALA D 178 -12.16 -0.88 -11.69
N VAL D 179 -13.03 -1.87 -11.54
CA VAL D 179 -14.46 -1.60 -11.66
C VAL D 179 -15.14 -1.33 -10.31
N ARG D 180 -14.36 -1.33 -9.21
N ARG D 180 -14.38 -1.34 -9.20
CA ARG D 180 -14.94 -1.10 -7.89
CA ARG D 180 -15.01 -1.11 -7.91
C ARG D 180 -15.59 0.28 -7.79
C ARG D 180 -15.63 0.28 -7.82
N GLN D 181 -15.06 1.25 -8.54
CA GLN D 181 -15.57 2.61 -8.53
C GLN D 181 -16.89 2.75 -9.28
N GLU D 182 -17.31 1.74 -10.03
CA GLU D 182 -18.53 1.82 -10.83
C GLU D 182 -19.63 1.06 -10.10
N LYS D 183 -20.52 1.79 -9.44
CA LYS D 183 -21.61 1.14 -8.72
C LYS D 183 -22.60 0.46 -9.65
N GLY D 184 -22.59 0.79 -10.94
CA GLY D 184 -23.42 0.11 -11.91
C GLY D 184 -22.88 -1.19 -12.46
N ILE D 185 -21.69 -1.59 -12.04
CA ILE D 185 -21.08 -2.86 -12.44
C ILE D 185 -21.17 -3.80 -11.25
N ARG D 186 -21.80 -4.95 -11.46
CA ARG D 186 -21.90 -5.99 -10.44
C ARG D 186 -21.33 -7.28 -11.02
N ILE D 187 -20.45 -7.93 -10.27
CA ILE D 187 -19.95 -9.25 -10.64
C ILE D 187 -20.80 -10.31 -9.94
N VAL D 188 -21.51 -11.13 -10.72
CA VAL D 188 -22.46 -12.07 -10.15
C VAL D 188 -22.02 -13.53 -10.25
N ALA D 189 -20.92 -13.83 -10.95
CA ALA D 189 -20.49 -15.20 -11.10
C ALA D 189 -19.02 -15.25 -11.52
N ILE D 190 -18.29 -16.21 -10.95
CA ILE D 190 -16.92 -16.53 -11.33
C ILE D 190 -16.82 -18.04 -11.46
N GLU D 191 -16.30 -18.53 -12.59
CA GLU D 191 -16.13 -19.96 -12.82
C GLU D 191 -14.77 -20.22 -13.46
N GLU D 192 -14.27 -21.45 -13.27
CA GLU D 192 -12.99 -21.88 -13.81
C GLU D 192 -13.18 -22.65 -15.12
N SER D 193 -12.32 -22.37 -16.08
CA SER D 193 -12.32 -23.04 -17.35
C SER D 193 -11.28 -24.16 -17.44
N HIS D 194 -10.31 -24.22 -16.53
CA HIS D 194 -9.20 -25.17 -16.60
C HIS D 194 -8.53 -25.08 -17.97
N ILE D 195 -8.47 -23.85 -18.49
CA ILE D 195 -7.89 -23.42 -19.77
C ILE D 195 -8.18 -24.33 -20.96
N THR D 196 -9.43 -24.77 -21.13
CA THR D 196 -9.85 -25.35 -22.40
C THR D 196 -11.02 -24.55 -22.96
N ARG D 197 -11.17 -24.58 -24.30
CA ARG D 197 -12.34 -23.98 -24.91
C ARG D 197 -13.64 -24.63 -24.46
N VAL D 198 -13.60 -25.96 -24.27
CA VAL D 198 -14.84 -26.72 -24.04
C VAL D 198 -15.40 -26.43 -22.66
N GLN D 199 -14.54 -26.31 -21.64
CA GLN D 199 -15.05 -26.02 -20.31
C GLN D 199 -15.42 -24.56 -20.14
N ALA D 200 -14.69 -23.65 -20.79
CA ALA D 200 -15.10 -22.24 -20.79
C ALA D 200 -16.52 -22.12 -21.34
N ALA D 201 -16.79 -22.77 -22.47
CA ALA D 201 -18.13 -22.76 -23.03
C ALA D 201 -19.15 -23.41 -22.09
N GLU D 202 -18.78 -24.54 -21.47
CA GLU D 202 -19.69 -25.20 -20.54
C GLU D 202 -20.02 -24.29 -19.35
N LYS D 203 -19.01 -23.62 -18.81
CA LYS D 203 -19.28 -22.71 -17.70
C LYS D 203 -20.11 -21.51 -18.14
N ALA D 204 -19.81 -20.95 -19.32
CA ALA D 204 -20.61 -19.83 -19.83
C ALA D 204 -22.08 -20.19 -19.93
N TYR D 205 -22.37 -21.37 -20.49
CA TYR D 205 -23.75 -21.83 -20.61
C TYR D 205 -24.41 -21.94 -19.24
N THR D 206 -23.76 -22.65 -18.31
CA THR D 206 -24.29 -22.79 -16.96
C THR D 206 -24.56 -21.42 -16.32
N ILE D 207 -23.62 -20.49 -16.48
CA ILE D 207 -23.79 -19.16 -15.88
C ILE D 207 -25.06 -18.50 -16.41
N LEU D 208 -25.25 -18.53 -17.74
CA LEU D 208 -26.38 -17.85 -18.33
C LEU D 208 -27.70 -18.50 -17.93
N LYS D 209 -27.67 -19.80 -17.64
CA LYS D 209 -28.89 -20.46 -17.16
C LYS D 209 -29.22 -20.06 -15.73
N LYS D 210 -28.21 -19.92 -14.87
CA LYS D 210 -28.46 -19.56 -13.49
C LYS D 210 -28.62 -18.05 -13.31
N HIS D 211 -27.99 -17.26 -14.18
CA HIS D 211 -28.02 -15.80 -14.08
C HIS D 211 -28.39 -15.24 -15.46
N PRO D 212 -29.66 -15.33 -15.84
CA PRO D 212 -30.07 -14.89 -17.19
C PRO D 212 -29.88 -13.40 -17.43
N ASP D 213 -29.62 -12.61 -16.40
CA ASP D 213 -29.39 -11.19 -16.55
C ASP D 213 -27.92 -10.83 -16.81
N VAL D 214 -27.02 -11.81 -16.86
CA VAL D 214 -25.64 -11.48 -17.23
C VAL D 214 -25.62 -10.90 -18.63
N ASN D 215 -24.96 -9.74 -18.80
CA ASN D 215 -24.77 -9.16 -20.12
C ASN D 215 -23.32 -8.75 -20.38
N ALA D 216 -22.36 -9.21 -19.57
CA ALA D 216 -20.96 -8.95 -19.85
C ALA D 216 -20.13 -10.12 -19.31
N PHE D 217 -19.13 -10.53 -20.07
CA PHE D 217 -18.19 -11.57 -19.66
C PHE D 217 -16.75 -11.05 -19.70
N TYR D 218 -15.98 -11.45 -18.70
CA TYR D 218 -14.55 -11.18 -18.63
C TYR D 218 -13.84 -12.52 -18.58
N GLY D 219 -13.04 -12.81 -19.59
CA GLY D 219 -12.21 -14.01 -19.62
C GLY D 219 -10.76 -13.64 -19.38
N THR D 220 -10.06 -14.43 -18.54
CA THR D 220 -8.76 -14.05 -18.03
C THR D 220 -7.62 -14.90 -18.59
N SER D 221 -7.91 -15.90 -19.42
CA SER D 221 -6.87 -16.65 -20.11
C SER D 221 -7.26 -16.84 -21.57
N ALA D 222 -6.32 -17.40 -22.34
CA ALA D 222 -6.29 -17.19 -23.78
C ALA D 222 -7.50 -17.79 -24.50
N LEU D 223 -8.10 -18.84 -23.95
CA LEU D 223 -9.22 -19.52 -24.59
C LEU D 223 -10.57 -19.15 -24.00
N ASP D 224 -10.61 -18.37 -22.92
CA ASP D 224 -11.86 -18.20 -22.19
C ASP D 224 -12.91 -17.50 -23.03
N ALA D 225 -12.54 -16.39 -23.68
CA ALA D 225 -13.53 -15.61 -24.42
C ALA D 225 -13.94 -16.31 -25.70
N ILE D 226 -13.05 -17.13 -26.27
CA ILE D 226 -13.44 -17.98 -27.39
C ILE D 226 -14.59 -18.91 -26.98
N GLY D 227 -14.43 -19.56 -25.82
CA GLY D 227 -15.52 -20.39 -25.31
C GLY D 227 -16.80 -19.63 -25.07
N VAL D 228 -16.71 -18.45 -24.45
CA VAL D 228 -17.90 -17.64 -24.20
C VAL D 228 -18.57 -17.26 -25.52
N ALA D 229 -17.77 -16.84 -26.49
CA ALA D 229 -18.33 -16.35 -27.74
C ALA D 229 -19.08 -17.44 -28.48
N LYS D 230 -18.58 -18.68 -28.44
CA LYS D 230 -19.30 -19.80 -29.04
C LYS D 230 -20.71 -19.91 -28.46
N VAL D 231 -20.83 -19.85 -27.14
CA VAL D 231 -22.14 -19.99 -26.49
C VAL D 231 -23.03 -18.79 -26.80
N VAL D 232 -22.46 -17.58 -26.73
CA VAL D 232 -23.24 -16.37 -27.04
C VAL D 232 -23.82 -16.45 -28.44
N GLU D 233 -23.01 -16.88 -29.41
CA GLU D 233 -23.53 -16.97 -30.77
C GLU D 233 -24.59 -18.05 -30.90
N GLN D 234 -24.48 -19.13 -30.12
CA GLN D 234 -25.49 -20.19 -30.16
C GLN D 234 -26.84 -19.69 -29.65
N PHE D 235 -26.84 -18.85 -28.62
CA PHE D 235 -28.06 -18.19 -28.18
C PHE D 235 -28.58 -17.27 -29.27
N HIS D 236 -27.69 -16.48 -29.86
CA HIS D 236 -28.04 -15.55 -30.94
C HIS D 236 -29.22 -14.67 -30.51
N ARG D 237 -29.04 -14.00 -29.38
CA ARG D 237 -30.04 -13.07 -28.88
C ARG D 237 -29.87 -11.70 -29.57
N GLU D 238 -30.92 -10.89 -29.47
CA GLU D 238 -30.80 -9.53 -29.98
C GLU D 238 -30.00 -8.65 -29.03
N GLN D 239 -30.24 -8.74 -27.73
CA GLN D 239 -29.51 -7.91 -26.80
C GLN D 239 -28.05 -8.29 -26.82
N LYS D 240 -27.18 -7.30 -26.79
CA LYS D 240 -25.76 -7.57 -26.89
C LYS D 240 -25.20 -8.13 -25.59
N THR D 241 -24.19 -8.99 -25.73
CA THR D 241 -23.36 -9.43 -24.61
C THR D 241 -21.98 -8.85 -24.81
N TYR D 242 -21.51 -8.04 -23.86
CA TYR D 242 -20.15 -7.52 -23.91
C TYR D 242 -19.16 -8.59 -23.49
N ILE D 243 -18.12 -8.81 -24.30
CA ILE D 243 -17.10 -9.81 -23.97
C ILE D 243 -15.73 -9.17 -24.09
N ILE D 244 -14.96 -9.22 -23.00
CA ILE D 244 -13.56 -8.83 -23.05
C ILE D 244 -12.75 -10.04 -22.59
N GLY D 245 -11.78 -10.44 -23.40
CA GLY D 245 -10.97 -11.61 -23.08
C GLY D 245 -9.50 -11.31 -23.01
N PHE D 246 -8.69 -12.36 -23.06
CA PHE D 246 -7.24 -12.22 -23.01
C PHE D 246 -6.61 -12.81 -24.27
N ASP D 247 -5.49 -12.20 -24.66
CA ASP D 247 -4.61 -12.68 -25.72
C ASP D 247 -5.22 -12.50 -27.10
N THR D 248 -4.43 -12.79 -28.12
CA THR D 248 -4.77 -12.48 -29.51
C THR D 248 -4.63 -13.72 -30.39
N LEU D 249 -5.05 -14.89 -29.90
CA LEU D 249 -5.12 -16.07 -30.73
C LEU D 249 -6.03 -15.82 -31.94
N PRO D 250 -5.81 -16.52 -33.06
CA PRO D 250 -6.61 -16.29 -34.28
C PRO D 250 -8.12 -16.34 -34.09
N GLU D 251 -8.63 -17.27 -33.28
CA GLU D 251 -10.08 -17.33 -33.06
C GLU D 251 -10.59 -16.08 -32.35
N THR D 252 -9.81 -15.55 -31.41
CA THR D 252 -10.15 -14.29 -30.76
C THR D 252 -10.24 -13.16 -31.79
N ILE D 253 -9.17 -12.97 -32.59
CA ILE D 253 -9.18 -11.92 -33.61
C ILE D 253 -10.39 -12.07 -34.52
N ARG D 254 -10.72 -13.30 -34.91
CA ARG D 254 -11.89 -13.52 -35.76
C ARG D 254 -13.17 -13.03 -35.07
N TYR D 255 -13.33 -13.37 -33.79
CA TYR D 255 -14.51 -12.91 -33.06
C TYR D 255 -14.50 -11.40 -32.87
N LEU D 256 -13.32 -10.82 -32.66
CA LEU D 256 -13.22 -9.37 -32.59
C LEU D 256 -13.68 -8.73 -33.89
N GLN D 257 -13.29 -9.32 -35.02
CA GLN D 257 -13.64 -8.80 -36.34
C GLN D 257 -15.14 -8.88 -36.61
N LYS D 258 -15.79 -9.97 -36.21
CA LYS D 258 -17.22 -10.03 -36.46
C LYS D 258 -18.04 -9.34 -35.38
N GLY D 259 -17.42 -8.91 -34.28
CA GLY D 259 -18.11 -8.15 -33.27
C GLY D 259 -18.66 -8.95 -32.12
N THR D 260 -18.39 -10.26 -32.07
CA THR D 260 -18.88 -11.06 -30.94
C THR D 260 -18.07 -10.78 -29.68
N ILE D 261 -16.77 -10.57 -29.84
CA ILE D 261 -15.90 -10.14 -28.75
C ILE D 261 -15.68 -8.66 -28.93
N ALA D 262 -15.82 -7.89 -27.85
CA ALA D 262 -15.64 -6.45 -27.92
C ALA D 262 -14.18 -6.04 -27.75
N ALA D 263 -13.42 -6.75 -26.92
CA ALA D 263 -12.07 -6.30 -26.62
C ALA D 263 -11.24 -7.50 -26.15
N THR D 264 -9.92 -7.33 -26.18
CA THR D 264 -9.02 -8.35 -25.66
C THR D 264 -7.74 -7.70 -25.16
N VAL D 265 -7.15 -8.31 -24.14
CA VAL D 265 -5.91 -7.82 -23.53
C VAL D 265 -4.72 -8.46 -24.24
N VAL D 266 -3.86 -7.63 -24.81
CA VAL D 266 -2.70 -8.11 -25.54
C VAL D 266 -1.63 -8.59 -24.57
N GLN D 267 -0.99 -9.70 -24.91
CA GLN D 267 0.26 -10.15 -24.32
C GLN D 267 1.25 -10.41 -25.44
N GLU D 268 2.51 -10.67 -25.07
CA GLU D 268 3.59 -10.90 -26.03
C GLU D 268 4.27 -12.23 -25.73
N PRO D 269 3.58 -13.35 -26.01
CA PRO D 269 4.16 -14.66 -25.64
C PRO D 269 5.47 -14.98 -26.36
N TYR D 270 5.54 -14.76 -27.68
CA TYR D 270 6.80 -14.97 -28.40
C TYR D 270 7.93 -14.21 -27.74
N GLU D 271 7.67 -12.95 -27.40
CA GLU D 271 8.71 -12.08 -26.88
C GLU D 271 9.18 -12.53 -25.50
N MET D 272 8.27 -13.02 -24.65
CA MET D 272 8.76 -13.43 -23.34
C MET D 272 9.58 -14.71 -23.44
N GLY D 273 9.24 -15.63 -24.36
CA GLY D 273 10.07 -16.82 -24.54
C GLY D 273 11.45 -16.47 -25.08
N TYR D 274 11.49 -15.63 -26.10
CA TYR D 274 12.76 -15.16 -26.66
C TYR D 274 13.63 -14.50 -25.59
N LYS D 275 13.08 -13.48 -24.93
CA LYS D 275 13.87 -12.72 -23.96
C LYS D 275 14.26 -13.57 -22.76
N ALA D 276 13.40 -14.50 -22.35
CA ALA D 276 13.76 -15.35 -21.22
C ALA D 276 15.03 -16.15 -21.52
N VAL D 277 15.17 -16.61 -22.77
CA VAL D 277 16.35 -17.39 -23.14
C VAL D 277 17.59 -16.49 -23.17
N LYS D 278 17.47 -15.29 -23.74
CA LYS D 278 18.57 -14.34 -23.76
C LYS D 278 19.01 -13.98 -22.34
N MET D 279 18.05 -13.70 -21.45
CA MET D 279 18.42 -13.37 -20.08
C MET D 279 19.09 -14.53 -19.38
N MET D 280 18.64 -15.77 -19.66
CA MET D 280 19.26 -16.93 -19.05
C MET D 280 20.72 -17.07 -19.49
N ALA D 281 20.99 -16.84 -20.77
CA ALA D 281 22.36 -16.82 -21.25
C ALA D 281 23.19 -15.79 -20.49
N GLU D 282 22.65 -14.56 -20.35
CA GLU D 282 23.34 -13.52 -19.59
C GLU D 282 23.66 -13.98 -18.16
N ILE D 283 22.69 -14.61 -17.49
CA ILE D 283 22.89 -15.03 -16.11
C ILE D 283 23.99 -16.08 -16.00
N VAL D 284 24.02 -17.04 -16.93
CA VAL D 284 25.03 -18.10 -16.90
C VAL D 284 26.42 -17.52 -17.10
N ALA D 285 26.53 -16.42 -17.85
CA ALA D 285 27.80 -15.73 -18.04
C ALA D 285 28.21 -14.86 -16.86
N GLY D 286 27.41 -14.76 -15.81
CA GLY D 286 27.76 -13.95 -14.65
C GLY D 286 27.39 -12.48 -14.76
N LYS D 287 26.57 -12.10 -15.76
CA LYS D 287 26.18 -10.72 -16.00
C LYS D 287 24.80 -10.41 -15.41
N ASP D 288 24.61 -9.15 -15.01
CA ASP D 288 23.37 -8.74 -14.37
C ASP D 288 22.23 -8.62 -15.37
N VAL D 289 21.01 -8.88 -14.90
CA VAL D 289 19.80 -8.68 -15.70
C VAL D 289 18.78 -7.97 -14.83
N PRO D 290 17.82 -7.23 -15.40
CA PRO D 290 16.75 -6.68 -14.57
C PRO D 290 15.98 -7.78 -13.87
N VAL D 291 15.53 -7.51 -12.65
CA VAL D 291 14.73 -8.50 -11.91
C VAL D 291 13.39 -8.73 -12.63
N VAL D 292 12.72 -7.67 -13.06
CA VAL D 292 11.45 -7.80 -13.77
C VAL D 292 11.56 -7.14 -15.14
N THR D 293 11.20 -7.86 -16.18
CA THR D 293 10.99 -7.31 -17.51
C THR D 293 9.54 -7.57 -17.88
N ASN D 294 8.72 -6.52 -17.83
CA ASN D 294 7.30 -6.63 -18.17
C ASN D 294 7.12 -6.38 -19.67
N THR D 295 6.76 -7.43 -20.39
CA THR D 295 6.43 -7.27 -21.79
C THR D 295 5.10 -6.51 -21.92
N GLU D 296 4.83 -6.01 -23.12
CA GLU D 296 3.77 -5.02 -23.29
C GLU D 296 2.40 -5.62 -23.04
N THR D 297 1.49 -4.83 -22.47
CA THR D 297 0.09 -5.22 -22.34
C THR D 297 -0.75 -3.98 -22.54
N LYS D 298 -1.87 -4.16 -23.26
CA LYS D 298 -2.81 -3.09 -23.57
C LYS D 298 -4.10 -3.76 -24.03
N VAL D 299 -5.21 -3.03 -23.90
CA VAL D 299 -6.48 -3.53 -24.40
C VAL D 299 -6.66 -3.05 -25.84
N ILE D 300 -7.07 -3.96 -26.72
CA ILE D 300 -7.35 -3.61 -28.09
C ILE D 300 -8.77 -4.01 -28.44
N ARG D 301 -9.32 -3.32 -29.44
CA ARG D 301 -10.66 -3.55 -29.93
C ARG D 301 -10.57 -3.69 -31.45
N LYS D 302 -11.73 -3.85 -32.08
CA LYS D 302 -11.79 -4.05 -33.52
C LYS D 302 -11.15 -2.88 -34.26
N LYS D 303 -11.33 -1.67 -33.77
CA LYS D 303 -10.70 -0.48 -34.34
C LYS D 303 -9.18 -0.63 -34.48
N ASP D 304 -8.55 -1.50 -33.71
CA ASP D 304 -7.10 -1.63 -33.72
C ASP D 304 -6.60 -2.67 -34.70
N LEU D 305 -7.49 -3.30 -35.45
CA LEU D 305 -7.09 -4.27 -36.46
C LEU D 305 -6.83 -3.57 -37.80
N PRO D 306 -5.89 -4.09 -38.60
CA PRO D 306 -5.03 -5.27 -38.38
C PRO D 306 -3.94 -5.03 -37.33
N LEU D 307 -3.23 -6.08 -36.95
CA LEU D 307 -2.16 -5.95 -35.97
C LEU D 307 -0.77 -6.03 -36.62
#